data_5A5A
#
_entry.id   5A5A
#
_cell.length_a   86.861
_cell.length_b   121.618
_cell.length_c   139.403
_cell.angle_alpha   90.00
_cell.angle_beta   90.00
_cell.angle_gamma   90.00
#
_symmetry.space_group_name_H-M   'P 2 21 21'
#
loop_
_entity.id
_entity.type
_entity.pdbx_description
1 polymer ENDO-ALPHA-N-ACETYLGALACTOSAMINIDASE
2 branched beta-D-galactopyranose-(1-3)-2-acetamido-2-deoxy-alpha-D-galactopyranose
3 non-polymer 'CALCIUM ION'
4 non-polymer 'MANGANESE (II) ION'
5 non-polymer 'CITRIC ACID'
6 non-polymer 1,2-ETHANEDIOL
7 water water
#
_entity_poly.entity_id   1
_entity_poly.type   'polypeptide(L)'
_entity_poly.pdbx_seq_one_letter_code
;MEKETGPEVDDSKVTYDTIQSKVLKAVIDQAFPRVKEYSLNGHTLPGQVQQFNQVFINNHRITPEVTYKKINETTAEYLM
KLRDDAHLINAEMTVRLQVVDNQLHFDVTKIVNHNQVTPGQKIDDESKLLSSISFLGNALVSVSSDQTGAKFDGATMSNN
THVSGDDHIDVTNPMKDLAKGYMYGFVSTDKLAAGVWSNSQNSYGGGSNDWTRLTAYKETVGNANYVGIHSSEWQWEKAY
KGIVFPEYTKELPSAKVVITEDANADKNVDWQDGAIAYRSIMNNPQGWEKVKDITAYRIAMNFGSQAQNPFLMTLDGIKK
INLHTDGLGQGVLLKGYGSEGHDSGHLNYADIGKRIGGVEDFKTLIEKAKKYGAHLGIHVNASETYPESKYFNEKILRKN
PDGSYSYGWNWLDQGINIDAAYDLAHGRLARWEDLKKKLGDGLDFIYVDVWGNGQSGDNGAWATHVLAKEINKQGWRFAI
QWGHGGEYDSTFHHWAADLTYGGYTNKGINSAITRFIRNHQKDAWVGDYRSYGGAANYPLLGGYSMKDFEGWQGRSDYNG
YVTNLFAHDVMTKYFQHFTVSKWENGTPVTMTDNGSTYKWTPEMRVELVDADNNKVVVTRKSNDVNSPQYRERTVTLNGR
VIQDGSAYLTPWNWDANGKKLSTDKEKMYYFNTQAGATTWTLPSDWAKSKVYLYKLTDQGKTEEQELTVKDGKITLDLLA
NQPYVLYRSKQTNPEMSWSEGMHIYDQGFNSGTLKHWTISGDASKAEIVKSQGANDMLRIQGNKEKVSLTQKLTGLKPNT
KYAVYVGVDNRSNAKASITVNTGEKEVTTYTNKSLALNYVKAYAHNTRRNNATVDDTSYFQNMYAFFTTGADVSNVTLTL
SREAGDEATYFDEIRTFENNSSMYGDKHDTGKGTFKQDFENVAQGIFPFVVGGVEGVEDNRTHLSEKHDPYTQRGWNGKK
VDDVIEGNWSLKTNGLVSRRNLVYQTIPQNFRFEAGKTYRVTFEYEAGSDNTYAFVVGKGEFQSGRRGTQASNLEMHELP
NTWTDSKKAKKATFLVTGAETGDTWVGIYSTGNASNTRGDSGGNANFRGYNDFMMDNLQIEEITLTGKMLTHHHHHH
;
_entity_poly.pdbx_strand_id   A
#
loop_
_chem_comp.id
_chem_comp.type
_chem_comp.name
_chem_comp.formula
A2G D-saccharide, alpha linking 2-acetamido-2-deoxy-alpha-D-galactopyranose 'C8 H15 N O6'
CA non-polymer 'CALCIUM ION' 'Ca 2'
CIT non-polymer 'CITRIC ACID' 'C6 H8 O7'
EDO non-polymer 1,2-ETHANEDIOL 'C2 H6 O2'
GAL D-saccharide, beta linking beta-D-galactopyranose 'C6 H12 O6'
MN non-polymer 'MANGANESE (II) ION' 'Mn 2'
NGA D-saccharide, beta linking 2-acetamido-2-deoxy-beta-D-galactopyranose 'C8 H15 N O6'
#
# COMPACT_ATOMS: atom_id res chain seq x y z
N MET A 1 -26.21 16.97 -40.44
CA MET A 1 -25.27 16.11 -41.19
C MET A 1 -26.04 15.27 -42.20
N GLU A 2 -25.46 15.09 -43.38
CA GLU A 2 -26.07 14.36 -44.49
C GLU A 2 -25.67 12.89 -44.42
N LYS A 3 -26.53 11.99 -44.91
CA LYS A 3 -26.17 10.56 -45.05
C LYS A 3 -24.83 10.37 -45.75
N GLU A 4 -23.96 9.55 -45.16
CA GLU A 4 -22.58 9.43 -45.64
C GLU A 4 -22.43 8.25 -46.59
N THR A 5 -21.42 8.32 -47.45
CA THR A 5 -21.15 7.20 -48.37
C THR A 5 -19.67 7.00 -48.46
N GLY A 6 -19.26 5.78 -48.80
CA GLY A 6 -17.86 5.50 -49.02
C GLY A 6 -17.75 4.45 -50.12
N PRO A 7 -16.53 4.05 -50.46
CA PRO A 7 -16.36 3.02 -51.50
C PRO A 7 -17.03 1.71 -51.13
N GLU A 8 -17.64 1.07 -52.12
CA GLU A 8 -18.24 -0.25 -51.90
C GLU A 8 -17.08 -1.21 -51.94
N VAL A 9 -17.36 -2.51 -51.76
CA VAL A 9 -16.30 -3.50 -51.65
C VAL A 9 -16.29 -4.39 -52.88
N ASP A 10 -15.16 -4.43 -53.59
CA ASP A 10 -14.95 -5.31 -54.74
C ASP A 10 -13.99 -6.42 -54.30
N ASP A 11 -14.51 -7.61 -54.02
CA ASP A 11 -13.65 -8.72 -53.58
C ASP A 11 -13.36 -9.72 -54.71
N SER A 12 -13.40 -9.27 -55.97
CA SER A 12 -13.13 -10.19 -57.10
C SER A 12 -11.72 -10.76 -57.08
N LYS A 13 -10.77 -10.06 -56.47
CA LYS A 13 -9.39 -10.52 -56.41
C LYS A 13 -9.04 -11.12 -55.05
N VAL A 14 -10.05 -11.43 -54.27
CA VAL A 14 -9.81 -11.93 -52.91
C VAL A 14 -10.22 -13.40 -52.83
N THR A 15 -9.39 -14.21 -52.19
CA THR A 15 -9.69 -15.61 -51.92
C THR A 15 -9.92 -15.76 -50.43
N TYR A 16 -11.14 -16.10 -50.03
CA TYR A 16 -11.43 -16.34 -48.62
C TYR A 16 -11.39 -17.81 -48.26
N ASP A 17 -11.13 -18.12 -46.99
CA ASP A 17 -11.27 -19.45 -46.44
C ASP A 17 -12.19 -19.30 -45.21
N THR A 18 -12.51 -20.40 -44.55
CA THR A 18 -13.29 -20.31 -43.34
C THR A 18 -12.63 -21.19 -42.29
N ILE A 19 -12.64 -20.71 -41.05
CA ILE A 19 -12.29 -21.53 -39.90
C ILE A 19 -13.50 -21.50 -38.97
N GLN A 20 -13.72 -22.57 -38.23
CA GLN A 20 -14.93 -22.65 -37.44
C GLN A 20 -14.83 -23.65 -36.34
N SER A 21 -15.47 -23.31 -35.23
CA SER A 21 -15.73 -24.25 -34.16
C SER A 21 -17.12 -24.85 -34.40
N LYS A 22 -17.69 -25.51 -33.41
CA LYS A 22 -19.08 -25.91 -33.54
C LYS A 22 -20.07 -24.77 -33.44
N VAL A 23 -19.67 -23.62 -32.89
CA VAL A 23 -20.63 -22.53 -32.69
C VAL A 23 -20.32 -21.25 -33.48
N LEU A 24 -19.07 -21.04 -33.88
CA LEU A 24 -18.67 -19.78 -34.50
C LEU A 24 -17.91 -20.05 -35.78
N LYS A 25 -18.33 -19.40 -36.86
CA LYS A 25 -17.60 -19.50 -38.10
C LYS A 25 -16.98 -18.14 -38.44
N ALA A 26 -15.72 -18.13 -38.88
CA ALA A 26 -15.08 -16.89 -39.30
C ALA A 26 -14.61 -17.01 -40.76
N VAL A 27 -15.02 -16.05 -41.59
CA VAL A 27 -14.53 -15.98 -42.97
C VAL A 27 -13.26 -15.15 -42.96
N ILE A 28 -12.17 -15.73 -43.46
CA ILE A 28 -10.84 -15.10 -43.32
C ILE A 28 -10.19 -14.98 -44.68
N ASP A 29 -9.42 -13.92 -44.88
CA ASP A 29 -8.74 -13.69 -46.13
C ASP A 29 -7.50 -14.57 -46.16
N GLN A 30 -7.26 -15.27 -47.25
CA GLN A 30 -5.99 -16.02 -47.40
C GLN A 30 -4.78 -15.12 -47.62
N ALA A 31 -5.02 -13.85 -47.99
CA ALA A 31 -3.91 -12.94 -48.31
C ALA A 31 -3.34 -12.22 -47.09
N PHE A 32 -4.08 -12.23 -46.00
CA PHE A 32 -3.77 -11.33 -44.86
C PHE A 32 -4.60 -11.79 -43.68
N PRO A 33 -4.07 -11.72 -42.44
CA PRO A 33 -4.89 -12.24 -41.34
C PRO A 33 -6.03 -11.28 -40.92
N ARG A 34 -7.09 -11.32 -41.70
CA ARG A 34 -8.24 -10.44 -41.59
C ARG A 34 -9.46 -11.35 -41.55
N VAL A 35 -10.37 -11.06 -40.60
CA VAL A 35 -11.68 -11.70 -40.54
C VAL A 35 -12.68 -10.76 -41.26
N LYS A 36 -13.30 -11.24 -42.32
CA LYS A 36 -14.35 -10.47 -43.01
C LYS A 36 -15.64 -10.44 -42.20
N GLU A 37 -16.00 -11.58 -41.61
CA GLU A 37 -17.30 -11.70 -40.99
C GLU A 37 -17.39 -12.94 -40.09
N TYR A 38 -18.20 -12.82 -39.05
CA TYR A 38 -18.46 -13.91 -38.10
C TYR A 38 -19.90 -14.36 -38.18
N SER A 39 -20.15 -15.65 -38.00
CA SER A 39 -21.51 -16.15 -37.88
CA SER A 39 -21.51 -16.16 -37.89
CA SER A 39 -21.51 -16.12 -37.86
C SER A 39 -21.66 -17.03 -36.63
N LEU A 40 -22.71 -16.79 -35.86
CA LEU A 40 -23.02 -17.58 -34.69
C LEU A 40 -24.54 -17.66 -34.56
N ASN A 41 -25.04 -18.89 -34.45
CA ASN A 41 -26.50 -19.15 -34.36
C ASN A 41 -27.33 -18.42 -35.42
N GLY A 42 -26.79 -18.33 -36.64
CA GLY A 42 -27.53 -17.75 -37.74
C GLY A 42 -27.44 -16.22 -37.81
N HIS A 43 -26.73 -15.61 -36.87
CA HIS A 43 -26.57 -14.15 -36.78
C HIS A 43 -25.16 -13.80 -37.16
N THR A 44 -24.93 -12.55 -37.57
CA THR A 44 -23.60 -12.15 -38.05
CA THR A 44 -23.66 -12.11 -38.13
C THR A 44 -23.10 -10.86 -37.46
N LEU A 45 -21.77 -10.80 -37.31
CA LEU A 45 -21.06 -9.54 -37.07
C LEU A 45 -19.98 -9.42 -38.11
N PRO A 46 -19.88 -8.25 -38.72
CA PRO A 46 -18.76 -8.02 -39.63
C PRO A 46 -17.44 -7.96 -38.87
N GLY A 47 -16.33 -8.12 -39.59
CA GLY A 47 -14.99 -7.91 -39.05
C GLY A 47 -14.38 -6.69 -39.71
N GLN A 48 -13.40 -6.92 -40.55
CA GLN A 48 -12.82 -5.87 -41.37
C GLN A 48 -13.31 -6.19 -42.79
N VAL A 49 -14.30 -5.44 -43.26
CA VAL A 49 -14.99 -5.77 -44.51
CA VAL A 49 -14.97 -5.82 -44.52
C VAL A 49 -14.19 -5.31 -45.73
N GLN A 50 -13.43 -4.23 -45.57
CA GLN A 50 -12.60 -3.66 -46.64
C GLN A 50 -11.16 -4.09 -46.40
N GLN A 51 -10.57 -4.82 -47.36
CA GLN A 51 -9.17 -5.30 -47.27
CA GLN A 51 -9.18 -5.29 -47.22
C GLN A 51 -8.26 -4.10 -46.99
N PHE A 52 -7.27 -4.28 -46.11
CA PHE A 52 -6.26 -3.26 -45.86
C PHE A 52 -4.96 -4.00 -45.63
N ASN A 53 -4.24 -4.35 -46.69
CA ASN A 53 -3.13 -5.31 -46.57
C ASN A 53 -1.79 -4.65 -46.26
N GLN A 54 -1.79 -3.91 -45.16
CA GLN A 54 -0.63 -3.18 -44.72
C GLN A 54 -0.56 -3.27 -43.22
N VAL A 55 0.66 -3.21 -42.72
CA VAL A 55 0.91 -3.10 -41.27
C VAL A 55 1.89 -1.93 -41.09
N PHE A 56 2.05 -1.48 -39.84
CA PHE A 56 3.03 -0.44 -39.57
C PHE A 56 4.07 -1.03 -38.65
N ILE A 57 5.31 -1.00 -39.11
CA ILE A 57 6.41 -1.56 -38.33
C ILE A 57 7.33 -0.39 -37.97
N ASN A 58 7.63 -0.17 -36.67
CA ASN A 58 8.39 1.01 -36.28
C ASN A 58 7.83 2.29 -36.91
N ASN A 59 6.50 2.36 -36.99
CA ASN A 59 5.77 3.50 -37.57
C ASN A 59 6.02 3.73 -39.06
N HIS A 60 6.50 2.70 -39.75
CA HIS A 60 6.63 2.76 -41.20
C HIS A 60 5.63 1.81 -41.86
N ARG A 61 4.91 2.30 -42.87
CA ARG A 61 3.96 1.47 -43.62
C ARG A 61 4.68 0.38 -44.41
N ILE A 62 4.22 -0.87 -44.26
CA ILE A 62 4.82 -2.01 -44.95
C ILE A 62 3.71 -2.83 -45.57
N THR A 63 3.90 -3.23 -46.84
CA THR A 63 3.01 -4.19 -47.47
C THR A 63 3.65 -5.55 -47.28
N PRO A 64 3.13 -6.39 -46.38
CA PRO A 64 3.83 -7.64 -46.11
C PRO A 64 3.74 -8.64 -47.26
N GLU A 65 4.74 -9.49 -47.39
CA GLU A 65 4.66 -10.60 -48.35
C GLU A 65 4.16 -11.81 -47.58
N VAL A 66 2.95 -12.26 -47.91
CA VAL A 66 2.23 -13.20 -47.05
C VAL A 66 2.07 -14.57 -47.71
N THR A 67 2.34 -15.62 -46.95
CA THR A 67 1.95 -16.96 -47.39
C THR A 67 1.03 -17.56 -46.35
N TYR A 68 0.09 -18.38 -46.80
CA TYR A 68 -1.02 -18.82 -45.97
C TYR A 68 -1.05 -20.33 -45.86
N LYS A 69 -1.45 -20.84 -44.69
CA LYS A 69 -1.73 -22.27 -44.57
C LYS A 69 -2.86 -22.51 -43.55
N LYS A 70 -3.90 -23.21 -43.98
CA LYS A 70 -4.93 -23.62 -43.02
C LYS A 70 -4.41 -24.85 -42.30
N ILE A 71 -4.31 -24.76 -40.98
CA ILE A 71 -3.66 -25.75 -40.14
C ILE A 71 -4.63 -26.88 -39.79
N ASN A 72 -5.85 -26.52 -39.42
CA ASN A 72 -6.88 -27.50 -39.09
C ASN A 72 -8.24 -26.79 -39.19
N GLU A 73 -9.33 -27.40 -38.75
CA GLU A 73 -10.65 -26.85 -39.03
C GLU A 73 -10.83 -25.48 -38.33
N THR A 74 -10.10 -25.25 -37.25
CA THR A 74 -10.31 -24.02 -36.45
C THR A 74 -9.18 -23.00 -36.58
N THR A 75 -8.14 -23.34 -37.32
CA THR A 75 -6.86 -22.61 -37.19
C THR A 75 -6.20 -22.36 -38.52
N ALA A 76 -5.81 -21.10 -38.76
CA ALA A 76 -4.99 -20.79 -39.92
C ALA A 76 -3.75 -19.99 -39.54
N GLU A 77 -2.72 -20.09 -40.38
CA GLU A 77 -1.43 -19.49 -40.09
C GLU A 77 -0.95 -18.67 -41.28
N TYR A 78 -0.28 -17.54 -41.01
CA TYR A 78 0.20 -16.64 -42.05
C TYR A 78 1.64 -16.32 -41.76
N LEU A 79 2.52 -16.50 -42.76
CA LEU A 79 3.89 -16.03 -42.66
C LEU A 79 4.00 -14.70 -43.39
N MET A 80 4.49 -13.67 -42.68
CA MET A 80 4.40 -12.31 -43.15
C MET A 80 5.79 -11.69 -43.17
N LYS A 81 6.36 -11.57 -44.38
CA LYS A 81 7.71 -11.04 -44.55
C LYS A 81 7.66 -9.54 -44.69
N LEU A 82 8.56 -8.87 -43.97
CA LEU A 82 8.52 -7.42 -43.80
C LEU A 82 9.85 -6.82 -44.26
N ARG A 83 9.81 -5.99 -45.30
CA ARG A 83 11.05 -5.41 -45.84
C ARG A 83 10.90 -3.94 -46.20
N ASP A 84 11.77 -3.12 -45.64
CA ASP A 84 11.84 -1.72 -46.00
C ASP A 84 13.28 -1.26 -45.81
N ASP A 85 14.05 -1.33 -46.88
CA ASP A 85 15.48 -1.12 -46.84
C ASP A 85 15.82 0.25 -46.31
N ALA A 86 15.09 1.26 -46.76
CA ALA A 86 15.34 2.65 -46.41
C ALA A 86 15.20 2.87 -44.89
N HIS A 87 14.39 2.04 -44.25
CA HIS A 87 14.16 2.18 -42.81
C HIS A 87 14.72 1.03 -42.01
N LEU A 88 15.64 0.29 -42.63
CA LEU A 88 16.34 -0.84 -41.97
C LEU A 88 15.40 -1.89 -41.36
N ILE A 89 14.29 -2.17 -42.06
CA ILE A 89 13.38 -3.22 -41.60
C ILE A 89 13.61 -4.46 -42.45
N ASN A 90 13.89 -5.56 -41.78
CA ASN A 90 14.10 -6.84 -42.43
C ASN A 90 13.73 -7.93 -41.46
N ALA A 91 12.49 -8.38 -41.54
CA ALA A 91 11.97 -9.22 -40.47
C ALA A 91 10.88 -10.14 -41.01
N GLU A 92 10.44 -11.08 -40.20
CA GLU A 92 9.21 -11.79 -40.54
C GLU A 92 8.44 -12.17 -39.29
N MET A 93 7.13 -12.20 -39.43
CA MET A 93 6.30 -12.57 -38.29
C MET A 93 5.27 -13.56 -38.77
N THR A 94 4.95 -14.48 -37.88
CA THR A 94 3.94 -15.48 -38.12
C THR A 94 2.76 -15.14 -37.26
N VAL A 95 1.59 -15.16 -37.88
CA VAL A 95 0.33 -14.88 -37.22
C VAL A 95 -0.59 -16.09 -37.35
N ARG A 96 -1.28 -16.44 -36.27
CA ARG A 96 -2.34 -17.44 -36.31
C ARG A 96 -3.68 -16.85 -35.95
N LEU A 97 -4.71 -17.24 -36.71
CA LEU A 97 -6.08 -17.00 -36.35
C LEU A 97 -6.67 -18.34 -35.95
N GLN A 98 -7.34 -18.36 -34.81
CA GLN A 98 -7.86 -19.61 -34.27
C GLN A 98 -9.21 -19.37 -33.65
N VAL A 99 -10.19 -20.19 -34.04
CA VAL A 99 -11.51 -20.16 -33.37
C VAL A 99 -11.52 -21.16 -32.22
N VAL A 100 -11.89 -20.69 -31.04
CA VAL A 100 -12.02 -21.55 -29.85
C VAL A 100 -13.45 -21.35 -29.36
N ASP A 101 -14.32 -22.29 -29.68
CA ASP A 101 -15.76 -22.13 -29.42
C ASP A 101 -16.21 -20.75 -29.93
N ASN A 102 -16.68 -19.87 -29.06
CA ASN A 102 -17.18 -18.54 -29.50
C ASN A 102 -16.14 -17.42 -29.43
N GLN A 103 -14.87 -17.81 -29.43
CA GLN A 103 -13.76 -16.85 -29.34
C GLN A 103 -12.96 -16.94 -30.62
N LEU A 104 -12.41 -15.80 -31.03
CA LEU A 104 -11.43 -15.77 -32.09
C LEU A 104 -10.15 -15.28 -31.47
N HIS A 105 -9.07 -16.04 -31.66
CA HIS A 105 -7.75 -15.68 -31.13
C HIS A 105 -6.82 -15.20 -32.26
N PHE A 106 -6.23 -14.01 -32.08
CA PHE A 106 -5.23 -13.45 -33.01
C PHE A 106 -3.90 -13.48 -32.24
N ASP A 107 -2.93 -14.25 -32.75
CA ASP A 107 -1.63 -14.33 -32.07
C ASP A 107 -0.50 -14.18 -33.05
N VAL A 108 0.48 -13.33 -32.70
CA VAL A 108 1.76 -13.32 -33.40
C VAL A 108 2.57 -14.39 -32.67
N THR A 109 2.83 -15.50 -33.34
CA THR A 109 3.40 -16.67 -32.67
C THR A 109 4.92 -16.71 -32.77
N LYS A 110 5.49 -15.95 -33.71
CA LYS A 110 6.93 -15.95 -33.93
C LYS A 110 7.33 -14.65 -34.59
N ILE A 111 8.42 -14.06 -34.13
CA ILE A 111 8.96 -12.86 -34.74
C ILE A 111 10.45 -13.07 -34.97
N VAL A 112 10.93 -12.82 -36.20
CA VAL A 112 12.35 -12.91 -36.49
C VAL A 112 12.79 -11.57 -37.05
N ASN A 113 13.74 -10.94 -36.37
CA ASN A 113 14.37 -9.74 -36.88
C ASN A 113 15.71 -10.16 -37.48
N HIS A 114 15.90 -9.96 -38.79
CA HIS A 114 17.16 -10.36 -39.41
C HIS A 114 18.32 -9.43 -39.05
N ASN A 115 18.02 -8.25 -38.53
CA ASN A 115 19.06 -7.40 -37.95
C ASN A 115 19.62 -8.07 -36.69
N GLN A 116 20.91 -7.87 -36.42
CA GLN A 116 21.54 -8.51 -35.27
C GLN A 116 21.10 -7.73 -34.02
N VAL A 117 20.38 -8.39 -33.12
CA VAL A 117 19.97 -7.74 -31.86
C VAL A 117 20.21 -8.68 -30.69
N THR A 118 20.91 -8.22 -29.66
CA THR A 118 21.11 -9.05 -28.48
C THR A 118 20.55 -8.32 -27.24
N PRO A 119 19.46 -8.84 -26.66
CA PRO A 119 18.88 -8.23 -25.43
C PRO A 119 19.98 -8.08 -24.41
N GLY A 120 20.08 -6.91 -23.79
CA GLY A 120 21.09 -6.67 -22.77
C GLY A 120 22.39 -6.10 -23.29
N GLN A 121 22.55 -6.02 -24.61
CA GLN A 121 23.78 -5.49 -25.19
C GLN A 121 23.54 -4.18 -25.92
N LYS A 122 24.63 -3.51 -26.27
CA LYS A 122 24.59 -2.27 -26.99
C LYS A 122 24.11 -2.50 -28.43
N ILE A 123 23.37 -1.54 -28.98
CA ILE A 123 23.01 -1.54 -30.41
C ILE A 123 23.43 -0.21 -31.00
N ASP A 124 24.12 -0.22 -32.15
CA ASP A 124 24.61 1.07 -32.66
C ASP A 124 23.55 1.95 -33.33
N ASP A 125 22.47 1.34 -33.81
CA ASP A 125 21.38 2.10 -34.40
C ASP A 125 20.07 1.48 -33.91
N GLU A 126 19.33 2.21 -33.07
CA GLU A 126 18.03 1.69 -32.54
C GLU A 126 16.99 1.49 -33.63
N SER A 127 17.19 2.07 -34.80
CA SER A 127 16.20 1.84 -35.86
C SER A 127 16.29 0.39 -36.40
N LYS A 128 17.37 -0.32 -36.06
CA LYS A 128 17.52 -1.74 -36.42
C LYS A 128 16.66 -2.66 -35.55
N LEU A 129 16.16 -2.11 -34.45
CA LEU A 129 15.26 -2.89 -33.60
C LEU A 129 13.90 -3.00 -34.30
N LEU A 130 13.20 -4.09 -34.01
CA LEU A 130 11.81 -4.25 -34.39
CA LEU A 130 11.80 -4.20 -34.40
C LEU A 130 11.04 -3.86 -33.14
N SER A 131 10.68 -2.58 -33.02
CA SER A 131 10.18 -2.04 -31.75
CA SER A 131 10.18 -2.02 -31.76
C SER A 131 8.66 -1.95 -31.66
N SER A 132 7.98 -1.79 -32.79
CA SER A 132 6.53 -1.71 -32.71
C SER A 132 5.90 -2.40 -33.88
N ILE A 133 4.76 -3.05 -33.63
CA ILE A 133 4.01 -3.77 -34.68
C ILE A 133 2.56 -3.33 -34.56
N SER A 134 2.05 -2.72 -35.63
CA SER A 134 0.68 -2.22 -35.62
C SER A 134 -0.15 -2.83 -36.76
N PHE A 135 -1.30 -3.41 -36.39
CA PHE A 135 -2.30 -3.87 -37.34
C PHE A 135 -3.52 -2.93 -37.26
N LEU A 136 -3.30 -1.67 -36.83
CA LEU A 136 -4.37 -0.68 -36.97
C LEU A 136 -4.83 -0.61 -38.41
N GLY A 137 -6.15 -0.53 -38.59
CA GLY A 137 -6.75 -0.55 -39.93
C GLY A 137 -7.37 -1.88 -40.29
N ASN A 138 -7.09 -2.90 -39.49
CA ASN A 138 -7.77 -4.19 -39.61
C ASN A 138 -8.58 -4.47 -38.35
N ALA A 139 -9.88 -4.12 -38.38
CA ALA A 139 -10.79 -4.34 -37.25
C ALA A 139 -10.88 -5.82 -36.96
N LEU A 140 -10.76 -6.18 -35.67
CA LEU A 140 -11.02 -7.58 -35.24
C LEU A 140 -12.50 -7.92 -35.25
N VAL A 141 -13.35 -6.92 -35.01
CA VAL A 141 -14.79 -7.10 -35.10
C VAL A 141 -15.39 -5.70 -35.29
N SER A 142 -16.58 -5.65 -35.88
CA SER A 142 -17.28 -4.36 -36.07
C SER A 142 -18.78 -4.57 -36.06
N VAL A 143 -19.51 -3.47 -36.23
CA VAL A 143 -20.96 -3.54 -36.43
C VAL A 143 -21.29 -2.44 -37.45
N SER A 144 -22.31 -2.67 -38.27
CA SER A 144 -22.73 -1.77 -39.34
C SER A 144 -24.01 -1.07 -38.97
N SER A 145 -24.13 0.20 -39.40
CA SER A 145 -25.39 0.94 -39.21
C SER A 145 -26.60 0.32 -39.92
N ASP A 146 -26.38 -0.60 -40.85
CA ASP A 146 -27.47 -1.29 -41.52
C ASP A 146 -28.03 -2.41 -40.64
N GLN A 147 -27.36 -2.72 -39.54
CA GLN A 147 -27.83 -3.77 -38.66
C GLN A 147 -28.69 -3.17 -37.55
N THR A 148 -29.77 -3.85 -37.20
CA THR A 148 -30.68 -3.42 -36.14
C THR A 148 -29.98 -3.42 -34.79
N GLY A 149 -30.17 -2.35 -34.03
CA GLY A 149 -29.59 -2.27 -32.67
C GLY A 149 -28.08 -2.03 -32.65
N ALA A 150 -27.51 -1.56 -33.77
CA ALA A 150 -26.07 -1.35 -33.87
C ALA A 150 -25.56 -0.30 -32.88
N LYS A 151 -24.63 -0.69 -32.01
CA LYS A 151 -24.07 0.21 -30.98
C LYS A 151 -22.65 -0.22 -30.58
N PHE A 152 -21.90 0.79 -30.15
CA PHE A 152 -20.56 0.62 -29.63
C PHE A 152 -20.49 1.18 -28.18
N ASP A 153 -19.78 0.47 -27.30
CA ASP A 153 -19.66 0.97 -25.93
C ASP A 153 -18.22 0.75 -25.54
N GLY A 154 -17.57 1.81 -25.04
CA GLY A 154 -16.14 1.71 -24.73
C GLY A 154 -15.82 2.47 -23.45
N ALA A 155 -14.75 2.03 -22.79
CA ALA A 155 -14.30 2.65 -21.53
C ALA A 155 -12.95 3.28 -21.72
N THR A 156 -12.77 4.49 -21.18
CA THR A 156 -11.45 5.11 -21.07
C THR A 156 -11.19 5.42 -19.59
N MET A 157 -9.95 5.68 -19.24
CA MET A 157 -9.58 6.00 -17.87
C MET A 157 -10.07 7.39 -17.47
N SER A 158 -10.89 7.44 -16.41
CA SER A 158 -11.22 8.70 -15.74
C SER A 158 -11.08 8.47 -14.23
N ASN A 159 -10.49 9.43 -13.55
CA ASN A 159 -10.38 9.35 -12.09
C ASN A 159 -11.13 10.51 -11.45
N ASN A 160 -11.92 11.21 -12.27
CA ASN A 160 -12.68 12.36 -11.82
C ASN A 160 -14.10 11.86 -11.54
N THR A 161 -14.57 12.01 -10.29
CA THR A 161 -15.85 11.44 -9.91
C THR A 161 -17.04 12.03 -10.69
N HIS A 162 -16.86 13.22 -11.26
CA HIS A 162 -17.91 13.88 -12.04
C HIS A 162 -18.01 13.41 -13.48
N VAL A 163 -16.99 12.69 -13.96
CA VAL A 163 -16.85 12.46 -15.40
C VAL A 163 -16.70 10.98 -15.68
N SER A 164 -17.73 10.36 -16.26
CA SER A 164 -17.60 8.94 -16.61
C SER A 164 -16.57 8.78 -17.73
N GLY A 165 -15.76 7.71 -17.65
CA GLY A 165 -14.84 7.42 -18.76
C GLY A 165 -15.50 6.68 -19.91
N ASP A 166 -16.80 6.41 -19.81
CA ASP A 166 -17.45 5.53 -20.81
C ASP A 166 -18.13 6.30 -21.91
N ASP A 167 -18.06 5.75 -23.13
CA ASP A 167 -18.82 6.24 -24.27
C ASP A 167 -19.84 5.20 -24.69
N HIS A 168 -21.03 5.66 -25.05
CA HIS A 168 -22.10 4.79 -25.51
C HIS A 168 -22.57 5.43 -26.81
N ILE A 169 -22.31 4.75 -27.93
CA ILE A 169 -22.46 5.40 -29.23
C ILE A 169 -23.33 4.52 -30.12
N ASP A 170 -24.43 5.09 -30.59
CA ASP A 170 -25.28 4.39 -31.54
C ASP A 170 -24.57 4.44 -32.89
N VAL A 171 -24.56 3.31 -33.61
CA VAL A 171 -23.86 3.26 -34.88
C VAL A 171 -24.89 3.53 -35.97
N THR A 172 -24.85 4.75 -36.49
CA THR A 172 -25.89 5.25 -37.41
C THR A 172 -25.25 5.89 -38.63
N ASN A 173 -26.07 6.21 -39.62
CA ASN A 173 -25.60 6.96 -40.75
C ASN A 173 -26.61 8.10 -41.01
N PRO A 174 -26.22 9.36 -40.76
CA PRO A 174 -24.83 9.75 -40.45
C PRO A 174 -24.49 9.54 -38.96
N MET A 175 -23.21 9.63 -38.62
CA MET A 175 -22.78 9.71 -37.20
C MET A 175 -21.51 10.54 -37.11
N LYS A 176 -21.17 11.02 -35.91
CA LYS A 176 -19.91 11.72 -35.71
C LYS A 176 -18.69 10.81 -35.95
N ASP A 177 -17.60 11.41 -36.38
CA ASP A 177 -16.39 10.65 -36.62
C ASP A 177 -15.92 10.03 -35.31
N LEU A 178 -15.19 8.93 -35.43
CA LEU A 178 -14.66 8.21 -34.24
C LEU A 178 -13.34 7.59 -34.62
N ALA A 179 -12.28 7.95 -33.86
CA ALA A 179 -10.93 7.44 -34.04
C ALA A 179 -10.26 7.64 -32.67
N LYS A 180 -10.44 6.64 -31.80
CA LYS A 180 -10.18 6.86 -30.37
CA LYS A 180 -10.20 6.85 -30.36
C LYS A 180 -9.73 5.58 -29.68
N GLY A 181 -8.75 5.72 -28.79
CA GLY A 181 -8.27 4.59 -27.98
C GLY A 181 -9.20 4.26 -26.81
N TYR A 182 -9.25 2.98 -26.44
CA TYR A 182 -10.12 2.53 -25.35
C TYR A 182 -9.41 1.42 -24.58
N MET A 183 -9.78 1.27 -23.31
CA MET A 183 -9.28 0.19 -22.48
C MET A 183 -10.12 -1.07 -22.71
N TYR A 184 -11.44 -0.88 -22.90
CA TYR A 184 -12.43 -1.96 -23.11
C TYR A 184 -13.38 -1.45 -24.16
N GLY A 185 -13.84 -2.35 -25.02
CA GLY A 185 -14.70 -1.94 -26.14
C GLY A 185 -15.57 -3.09 -26.58
N PHE A 186 -16.82 -2.77 -26.92
CA PHE A 186 -17.83 -3.75 -27.31
C PHE A 186 -18.60 -3.20 -28.48
N VAL A 187 -18.91 -4.06 -29.45
CA VAL A 187 -19.93 -3.73 -30.45
C VAL A 187 -21.08 -4.74 -30.33
N SER A 188 -22.27 -4.35 -30.70
CA SER A 188 -23.41 -5.27 -30.59
C SER A 188 -24.51 -4.84 -31.55
N THR A 189 -25.29 -5.86 -31.95
CA THR A 189 -26.59 -5.66 -32.59
C THR A 189 -27.65 -6.09 -31.59
N ASP A 190 -28.88 -6.25 -32.05
CA ASP A 190 -29.89 -6.82 -31.16
C ASP A 190 -29.80 -8.33 -31.07
N LYS A 191 -28.84 -8.94 -31.77
CA LYS A 191 -28.67 -10.39 -31.74
C LYS A 191 -27.35 -10.90 -31.19
N LEU A 192 -26.27 -10.13 -31.40
CA LEU A 192 -24.92 -10.55 -30.98
C LEU A 192 -24.16 -9.41 -30.34
N ALA A 193 -23.36 -9.71 -29.30
CA ALA A 193 -22.43 -8.71 -28.76
C ALA A 193 -21.01 -9.27 -28.88
N ALA A 194 -20.02 -8.39 -29.02
CA ALA A 194 -18.62 -8.84 -29.06
C ALA A 194 -17.79 -7.93 -28.19
N GLY A 195 -16.81 -8.53 -27.48
CA GLY A 195 -15.79 -7.72 -26.81
C GLY A 195 -14.42 -8.11 -27.28
N VAL A 196 -13.47 -7.18 -27.17
CA VAL A 196 -12.13 -7.37 -27.70
C VAL A 196 -11.09 -7.14 -26.59
N TRP A 197 -10.16 -8.08 -26.48
CA TRP A 197 -9.02 -7.96 -25.54
C TRP A 197 -7.74 -7.85 -26.37
N SER A 198 -6.74 -7.14 -25.85
CA SER A 198 -5.43 -7.17 -26.46
C SER A 198 -4.42 -7.02 -25.34
N ASN A 199 -3.24 -7.64 -25.49
CA ASN A 199 -2.14 -7.37 -24.56
C ASN A 199 -1.29 -6.15 -24.97
N SER A 200 -1.72 -5.41 -25.99
CA SER A 200 -1.02 -4.18 -26.41
C SER A 200 -0.83 -3.23 -25.20
N GLN A 201 0.41 -2.78 -25.00
CA GLN A 201 0.66 -1.74 -23.97
C GLN A 201 0.84 -0.36 -24.61
N ASN A 202 0.10 -0.14 -25.70
CA ASN A 202 -0.02 1.16 -26.34
C ASN A 202 -0.51 2.26 -25.39
N SER A 203 0.03 3.47 -25.58
CA SER A 203 -0.57 4.67 -25.01
C SER A 203 -0.67 5.75 -26.07
N TYR A 204 -1.77 6.49 -26.09
CA TYR A 204 -1.89 7.67 -26.94
C TYR A 204 -1.68 8.97 -26.16
N GLY A 205 -1.24 8.86 -24.91
CA GLY A 205 -1.10 10.08 -24.07
C GLY A 205 -1.52 9.76 -22.65
N GLY A 206 -1.63 10.79 -21.81
CA GLY A 206 -2.04 10.55 -20.43
C GLY A 206 -3.54 10.62 -20.30
N GLY A 207 -4.02 10.48 -19.06
CA GLY A 207 -5.45 10.59 -18.80
C GLY A 207 -6.25 9.59 -19.60
N SER A 208 -7.32 10.07 -20.24
CA SER A 208 -8.24 9.21 -20.97
C SER A 208 -7.60 8.62 -22.25
N ASN A 209 -6.40 9.10 -22.60
CA ASN A 209 -5.66 8.55 -23.76
C ASN A 209 -4.69 7.41 -23.39
N ASP A 210 -4.65 7.07 -22.11
CA ASP A 210 -3.69 6.07 -21.65
C ASP A 210 -4.34 4.70 -21.50
N TRP A 211 -3.54 3.64 -21.39
CA TRP A 211 -4.08 2.26 -21.24
C TRP A 211 -4.94 1.87 -22.47
N THR A 212 -4.64 2.48 -23.61
CA THR A 212 -5.53 2.40 -24.77
C THR A 212 -5.09 1.20 -25.65
N ARG A 213 -5.37 0.01 -25.13
CA ARG A 213 -4.98 -1.25 -25.77
C ARG A 213 -5.84 -1.54 -27.01
N LEU A 214 -6.99 -0.88 -27.09
CA LEU A 214 -7.86 -0.94 -28.29
C LEU A 214 -7.96 0.41 -28.95
N THR A 215 -8.29 0.41 -30.24
CA THR A 215 -8.64 1.66 -30.94
C THR A 215 -9.94 1.41 -31.70
N ALA A 216 -10.96 2.25 -31.50
CA ALA A 216 -12.18 2.15 -32.28
C ALA A 216 -12.19 3.18 -33.41
N TYR A 217 -12.65 2.76 -34.59
CA TYR A 217 -12.66 3.63 -35.79
C TYR A 217 -13.98 3.50 -36.49
N LYS A 218 -14.53 4.62 -36.90
CA LYS A 218 -15.67 4.62 -37.80
C LYS A 218 -15.12 4.51 -39.23
N GLU A 219 -15.70 3.62 -40.04
CA GLU A 219 -15.35 3.58 -41.48
C GLU A 219 -16.62 3.50 -42.28
N THR A 220 -16.75 4.35 -43.30
CA THR A 220 -17.96 4.32 -44.13
C THR A 220 -17.70 3.44 -45.34
N VAL A 221 -18.56 2.46 -45.54
CA VAL A 221 -18.42 1.47 -46.60
C VAL A 221 -19.75 1.44 -47.31
N GLY A 222 -19.72 1.80 -48.59
CA GLY A 222 -20.99 1.96 -49.33
C GLY A 222 -21.90 2.94 -48.61
N ASN A 223 -23.12 2.49 -48.29
CA ASN A 223 -24.09 3.36 -47.64
C ASN A 223 -24.20 3.17 -46.12
N ALA A 224 -23.20 2.49 -45.53
CA ALA A 224 -23.28 2.14 -44.11
C ALA A 224 -22.07 2.69 -43.38
N ASN A 225 -22.28 3.07 -42.12
CA ASN A 225 -21.15 3.32 -41.24
C ASN A 225 -20.86 2.09 -40.42
N TYR A 226 -19.60 1.72 -40.35
CA TYR A 226 -19.14 0.63 -39.44
C TYR A 226 -18.34 1.26 -38.31
N VAL A 227 -18.53 0.73 -37.10
CA VAL A 227 -17.57 1.04 -36.04
C VAL A 227 -16.88 -0.29 -35.76
N GLY A 228 -15.58 -0.30 -35.97
CA GLY A 228 -14.72 -1.48 -35.72
C GLY A 228 -13.80 -1.27 -34.53
N ILE A 229 -13.45 -2.37 -33.87
CA ILE A 229 -12.50 -2.33 -32.77
C ILE A 229 -11.23 -3.01 -33.24
N HIS A 230 -10.13 -2.27 -33.14
CA HIS A 230 -8.80 -2.74 -33.54
C HIS A 230 -7.95 -2.93 -32.29
N SER A 231 -7.00 -3.84 -32.32
CA SER A 231 -5.91 -3.75 -31.32
C SER A 231 -5.07 -2.54 -31.61
N SER A 232 -4.70 -1.80 -30.56
CA SER A 232 -3.69 -0.79 -30.72
C SER A 232 -2.33 -1.45 -30.95
N GLU A 233 -1.37 -0.64 -31.34
CA GLU A 233 -0.04 -1.14 -31.63
C GLU A 233 0.63 -1.91 -30.47
N TRP A 234 1.39 -2.94 -30.83
CA TRP A 234 2.13 -3.71 -29.86
C TRP A 234 3.61 -3.31 -29.84
N GLN A 235 4.23 -3.53 -28.68
CA GLN A 235 5.65 -3.27 -28.53
C GLN A 235 6.47 -4.57 -28.61
N TRP A 236 7.74 -4.44 -28.97
CA TRP A 236 8.60 -5.63 -29.05
C TRP A 236 10.03 -5.32 -28.56
N GLU A 237 11.00 -5.19 -29.47
CA GLU A 237 12.42 -4.97 -29.07
C GLU A 237 12.63 -3.52 -28.80
N LYS A 238 13.09 -3.18 -27.59
CA LYS A 238 13.26 -1.77 -27.23
C LYS A 238 14.58 -1.59 -26.50
N ALA A 239 15.04 -0.35 -26.45
CA ALA A 239 16.35 -0.04 -25.84
C ALA A 239 16.29 1.30 -25.14
N TYR A 240 17.26 1.55 -24.28
CA TYR A 240 17.37 2.86 -23.66
C TYR A 240 18.82 3.31 -23.82
N LYS A 241 19.02 4.46 -24.46
CA LYS A 241 20.37 4.97 -24.69
C LYS A 241 21.26 3.92 -25.33
N GLY A 242 20.67 3.19 -26.29
CA GLY A 242 21.39 2.18 -27.05
C GLY A 242 21.58 0.83 -26.36
N ILE A 243 21.05 0.64 -25.15
CA ILE A 243 21.22 -0.64 -24.46
C ILE A 243 19.90 -1.36 -24.58
N VAL A 244 19.91 -2.50 -25.23
CA VAL A 244 18.69 -3.26 -25.50
C VAL A 244 18.18 -3.88 -24.19
N PHE A 245 16.88 -3.77 -23.96
CA PHE A 245 16.29 -4.23 -22.72
C PHE A 245 16.36 -5.76 -22.59
N PRO A 246 16.21 -6.28 -21.37
CA PRO A 246 16.22 -7.74 -21.24
C PRO A 246 15.12 -8.44 -22.05
N GLU A 247 15.40 -9.71 -22.38
CA GLU A 247 14.47 -10.52 -23.16
C GLU A 247 13.06 -10.59 -22.53
N TYR A 248 12.99 -10.63 -21.20
CA TYR A 248 11.66 -10.75 -20.56
C TYR A 248 10.74 -9.56 -20.82
N THR A 249 11.29 -8.45 -21.32
CA THR A 249 10.47 -7.28 -21.65
C THR A 249 9.69 -7.48 -22.94
N LYS A 250 10.01 -8.56 -23.68
CA LYS A 250 9.33 -8.84 -24.96
C LYS A 250 8.21 -9.82 -24.74
N GLU A 251 6.98 -9.44 -25.12
CA GLU A 251 5.85 -10.29 -24.94
C GLU A 251 5.18 -10.38 -26.30
N LEU A 252 4.94 -11.60 -26.77
CA LEU A 252 4.37 -11.77 -28.11
C LEU A 252 2.97 -11.15 -28.21
N PRO A 253 2.71 -10.37 -29.29
CA PRO A 253 1.41 -9.75 -29.50
C PRO A 253 0.30 -10.79 -29.50
N SER A 254 -0.78 -10.45 -28.79
CA SER A 254 -1.95 -11.31 -28.74
C SER A 254 -3.22 -10.47 -28.58
N ALA A 255 -4.31 -10.87 -29.24
CA ALA A 255 -5.60 -10.23 -29.07
C ALA A 255 -6.70 -11.30 -29.17
N LYS A 256 -7.89 -11.06 -28.62
CA LYS A 256 -8.98 -12.05 -28.72
C LYS A 256 -10.29 -11.32 -28.87
N VAL A 257 -11.22 -11.94 -29.59
CA VAL A 257 -12.59 -11.46 -29.68
C VAL A 257 -13.47 -12.53 -29.06
N VAL A 258 -14.52 -12.15 -28.34
CA VAL A 258 -15.52 -13.14 -27.93
C VAL A 258 -16.89 -12.65 -28.40
N ILE A 259 -17.70 -13.59 -28.91
CA ILE A 259 -19.01 -13.27 -29.50
C ILE A 259 -20.09 -14.02 -28.74
N THR A 260 -21.11 -13.28 -28.33
CA THR A 260 -22.14 -13.88 -27.49
C THR A 260 -23.55 -13.44 -27.85
N GLU A 261 -24.50 -14.32 -27.58
CA GLU A 261 -25.90 -13.94 -27.54
C GLU A 261 -26.22 -13.48 -26.10
N ASP A 262 -27.50 -13.30 -25.80
CA ASP A 262 -27.90 -12.86 -24.46
C ASP A 262 -27.21 -13.74 -23.40
N ALA A 263 -26.57 -13.09 -22.42
CA ALA A 263 -25.76 -13.80 -21.42
C ALA A 263 -26.23 -13.55 -19.98
N ASN A 264 -27.19 -12.64 -19.80
CA ASN A 264 -27.72 -12.38 -18.46
C ASN A 264 -29.25 -12.54 -18.40
N ALA A 265 -29.77 -13.24 -19.41
CA ALA A 265 -31.19 -13.61 -19.44
C ALA A 265 -32.15 -12.44 -19.36
N ASP A 266 -31.74 -11.26 -19.82
CA ASP A 266 -32.65 -10.10 -19.79
C ASP A 266 -33.33 -9.89 -21.15
N LYS A 267 -33.07 -10.82 -22.05
CA LYS A 267 -33.63 -10.83 -23.41
C LYS A 267 -33.27 -9.59 -24.23
N ASN A 268 -32.18 -8.93 -23.85
CA ASN A 268 -31.60 -7.85 -24.66
C ASN A 268 -30.16 -8.25 -24.96
N VAL A 269 -29.66 -7.86 -26.12
CA VAL A 269 -28.26 -8.07 -26.41
C VAL A 269 -27.59 -6.70 -26.46
N ASP A 270 -26.57 -6.51 -25.61
CA ASP A 270 -25.92 -5.23 -25.48
C ASP A 270 -24.53 -5.41 -24.88
N TRP A 271 -23.83 -4.32 -24.57
CA TRP A 271 -22.44 -4.45 -24.12
C TRP A 271 -22.30 -5.31 -22.87
N GLN A 272 -23.35 -5.36 -22.03
CA GLN A 272 -23.24 -6.13 -20.79
CA GLN A 272 -23.31 -6.15 -20.78
C GLN A 272 -23.09 -7.63 -21.06
N ASP A 273 -23.75 -8.14 -22.10
CA ASP A 273 -23.50 -9.51 -22.50
C ASP A 273 -22.08 -9.72 -22.98
N GLY A 274 -21.60 -8.76 -23.78
CA GLY A 274 -20.20 -8.76 -24.21
C GLY A 274 -19.25 -8.73 -23.02
N ALA A 275 -19.58 -7.94 -22.00
CA ALA A 275 -18.67 -7.82 -20.84
C ALA A 275 -18.59 -9.12 -20.02
N ILE A 276 -19.73 -9.78 -19.84
CA ILE A 276 -19.76 -11.09 -19.20
C ILE A 276 -18.86 -12.08 -19.94
N ALA A 277 -19.01 -12.14 -21.27
CA ALA A 277 -18.25 -13.08 -22.10
C ALA A 277 -16.77 -12.70 -22.09
N TYR A 278 -16.51 -11.40 -22.05
CA TYR A 278 -15.14 -10.87 -22.04
C TYR A 278 -14.30 -11.44 -20.90
N ARG A 279 -14.92 -11.77 -19.77
CA ARG A 279 -14.12 -12.32 -18.65
C ARG A 279 -13.42 -13.63 -19.02
N SER A 280 -13.91 -14.32 -20.07
CA SER A 280 -13.24 -15.53 -20.51
C SER A 280 -11.98 -15.30 -21.35
N ILE A 281 -11.83 -14.11 -21.94
CA ILE A 281 -10.68 -13.84 -22.79
C ILE A 281 -9.70 -12.81 -22.22
N MET A 282 -10.07 -12.16 -21.13
CA MET A 282 -9.26 -11.03 -20.62
C MET A 282 -8.05 -11.50 -19.80
N ASN A 283 -7.01 -10.66 -19.75
CA ASN A 283 -5.97 -10.82 -18.71
C ASN A 283 -6.61 -10.70 -17.33
N ASN A 284 -6.06 -11.42 -16.36
CA ASN A 284 -6.52 -11.27 -14.99
C ASN A 284 -5.30 -10.92 -14.14
N PRO A 285 -5.37 -9.81 -13.38
CA PRO A 285 -4.18 -9.38 -12.65
C PRO A 285 -3.80 -10.42 -11.62
N GLN A 286 -2.51 -10.72 -11.54
CA GLN A 286 -2.06 -11.80 -10.70
C GLN A 286 -2.42 -11.55 -9.25
N GLY A 287 -3.00 -12.57 -8.62
CA GLY A 287 -3.39 -12.46 -7.21
C GLY A 287 -4.80 -11.93 -7.00
N TRP A 288 -5.53 -11.68 -8.09
CA TRP A 288 -6.88 -11.09 -7.97
C TRP A 288 -7.81 -11.95 -7.11
N GLU A 289 -7.64 -13.28 -7.11
CA GLU A 289 -8.55 -14.15 -6.33
C GLU A 289 -8.60 -13.82 -4.85
N LYS A 290 -7.50 -13.29 -4.33
CA LYS A 290 -7.41 -12.96 -2.90
C LYS A 290 -8.24 -11.76 -2.50
N VAL A 291 -8.48 -10.86 -3.45
CA VAL A 291 -8.96 -9.52 -3.15
C VAL A 291 -10.30 -9.55 -2.40
N LYS A 292 -11.24 -10.38 -2.85
CA LYS A 292 -12.59 -10.39 -2.29
C LYS A 292 -12.60 -10.75 -0.78
N ASP A 293 -11.55 -11.43 -0.32
CA ASP A 293 -11.50 -11.78 1.12
C ASP A 293 -10.57 -10.93 1.96
N ILE A 294 -9.89 -9.96 1.33
CA ILE A 294 -9.11 -9.00 2.13
C ILE A 294 -10.03 -7.86 2.54
N THR A 295 -10.68 -8.02 3.69
CA THR A 295 -11.69 -7.09 4.13
C THR A 295 -11.07 -5.97 4.95
N ALA A 296 -10.01 -6.29 5.67
CA ALA A 296 -9.37 -5.30 6.55
C ALA A 296 -7.95 -4.92 6.12
N TYR A 297 -7.84 -3.96 5.20
CA TYR A 297 -6.57 -3.40 4.80
C TYR A 297 -6.20 -2.31 5.79
N ARG A 298 -4.90 -2.13 6.01
CA ARG A 298 -4.38 -0.96 6.79
C ARG A 298 -2.86 -0.96 6.66
N ILE A 299 -2.24 0.13 7.12
CA ILE A 299 -0.79 0.29 7.07
C ILE A 299 -0.23 0.23 8.49
N ALA A 300 0.87 -0.53 8.67
CA ALA A 300 1.62 -0.49 9.91
C ALA A 300 2.94 0.19 9.57
N MET A 301 3.20 1.31 10.23
CA MET A 301 4.32 2.17 9.82
C MET A 301 5.53 2.13 10.77
N ASN A 302 6.72 2.12 10.17
CA ASN A 302 7.98 2.38 10.87
C ASN A 302 8.70 3.49 10.19
N PHE A 303 9.45 4.27 10.96
CA PHE A 303 10.04 5.49 10.40
C PHE A 303 11.15 6.01 11.27
N GLY A 304 12.25 6.42 10.63
CA GLY A 304 13.30 7.20 11.31
C GLY A 304 14.02 6.43 12.41
N SER A 305 14.23 5.11 12.23
CA SER A 305 15.01 4.30 13.18
C SER A 305 14.22 3.96 14.46
N GLN A 306 12.98 4.43 14.55
CA GLN A 306 12.20 4.32 15.81
C GLN A 306 11.63 2.93 16.11
N ALA A 307 11.42 2.13 15.06
CA ALA A 307 10.81 0.79 15.22
C ALA A 307 9.49 0.87 16.00
N GLN A 308 8.61 1.79 15.55
CA GLN A 308 7.29 1.98 16.11
C GLN A 308 6.46 0.71 16.08
N ASN A 309 6.64 -0.09 15.02
CA ASN A 309 5.83 -1.29 14.80
C ASN A 309 6.69 -2.49 14.42
N PRO A 310 7.35 -3.11 15.42
CA PRO A 310 8.17 -4.32 15.16
C PRO A 310 7.32 -5.38 14.48
N PHE A 311 7.91 -6.21 13.63
CA PHE A 311 7.13 -7.22 12.93
C PHE A 311 6.27 -8.06 13.86
N LEU A 312 6.83 -8.52 15.00
CA LEU A 312 6.05 -9.43 15.85
C LEU A 312 4.87 -8.71 16.55
N MET A 313 4.99 -7.40 16.71
CA MET A 313 3.91 -6.63 17.30
CA MET A 313 3.92 -6.62 17.28
C MET A 313 2.71 -6.54 16.35
N THR A 314 2.98 -6.48 15.06
CA THR A 314 1.91 -6.40 14.06
C THR A 314 1.03 -7.64 14.15
N LEU A 315 1.63 -8.77 14.52
CA LEU A 315 0.87 -9.99 14.72
C LEU A 315 -0.18 -9.82 15.84
N ASP A 316 0.11 -9.04 16.88
CA ASP A 316 -0.91 -8.82 17.92
C ASP A 316 -2.04 -7.95 17.40
N GLY A 317 -1.72 -6.96 16.55
CA GLY A 317 -2.80 -6.17 15.94
C GLY A 317 -3.68 -7.03 15.06
N ILE A 318 -3.07 -7.96 14.31
CA ILE A 318 -3.82 -8.93 13.49
C ILE A 318 -4.78 -9.76 14.36
N LYS A 319 -4.31 -10.17 15.54
CA LYS A 319 -5.16 -10.96 16.44
C LYS A 319 -6.33 -10.15 17.00
N LYS A 320 -6.08 -8.87 17.31
CA LYS A 320 -7.17 -8.01 17.77
C LYS A 320 -8.26 -7.95 16.68
N ILE A 321 -7.83 -7.71 15.45
CA ILE A 321 -8.79 -7.58 14.32
C ILE A 321 -9.46 -8.91 14.00
N ASN A 322 -8.74 -10.02 14.15
CA ASN A 322 -9.32 -11.34 13.97
C ASN A 322 -10.50 -11.55 14.93
N LEU A 323 -10.28 -11.20 16.20
CA LEU A 323 -11.35 -11.30 17.21
C LEU A 323 -12.51 -10.37 16.89
N HIS A 324 -12.20 -9.12 16.61
CA HIS A 324 -13.22 -8.06 16.53
C HIS A 324 -14.06 -8.25 15.26
N THR A 325 -13.49 -8.85 14.23
CA THR A 325 -14.27 -9.07 13.00
C THR A 325 -14.84 -10.50 12.93
N ASP A 326 -14.53 -11.32 13.94
CA ASP A 326 -14.86 -12.74 13.88
C ASP A 326 -14.30 -13.41 12.60
N GLY A 327 -13.03 -13.13 12.32
CA GLY A 327 -12.34 -13.93 11.33
C GLY A 327 -12.48 -13.43 9.91
N LEU A 328 -12.58 -12.11 9.73
CA LEU A 328 -12.45 -11.57 8.37
C LEU A 328 -10.98 -11.46 7.96
N GLY A 329 -10.73 -11.56 6.64
CA GLY A 329 -9.38 -11.46 6.05
C GLY A 329 -8.79 -10.07 6.18
N GLN A 330 -7.46 -10.00 6.14
CA GLN A 330 -6.79 -8.76 6.45
C GLN A 330 -5.63 -8.56 5.49
N GLY A 331 -5.24 -7.32 5.29
CA GLY A 331 -4.10 -7.01 4.46
C GLY A 331 -3.35 -5.88 5.12
N VAL A 332 -2.14 -6.18 5.61
CA VAL A 332 -1.36 -5.14 6.29
C VAL A 332 -0.17 -4.74 5.44
N LEU A 333 -0.15 -3.48 5.01
CA LEU A 333 0.95 -2.91 4.21
C LEU A 333 1.99 -2.40 5.20
N LEU A 334 3.17 -2.97 5.13
CA LEU A 334 4.26 -2.63 6.01
C LEU A 334 5.05 -1.50 5.36
N LYS A 335 4.65 -0.28 5.70
CA LYS A 335 5.29 0.91 5.18
C LYS A 335 6.43 1.23 6.14
N GLY A 336 7.66 0.93 5.72
CA GLY A 336 8.80 0.98 6.63
C GLY A 336 9.32 -0.40 7.02
N TYR A 337 8.98 -1.43 6.24
CA TYR A 337 9.47 -2.81 6.49
C TYR A 337 11.01 -2.90 6.38
N GLY A 338 11.61 -1.93 5.69
CA GLY A 338 13.02 -2.02 5.27
C GLY A 338 13.89 -0.95 5.92
N SER A 339 15.21 -1.20 5.95
CA SER A 339 16.18 -0.15 6.34
C SER A 339 15.77 0.45 7.69
N GLU A 340 15.87 1.78 7.84
CA GLU A 340 15.49 2.47 9.08
C GLU A 340 14.00 2.77 9.15
N GLY A 341 13.25 2.38 8.13
CA GLY A 341 11.78 2.57 8.08
C GLY A 341 11.35 3.22 6.77
N HIS A 342 10.19 3.87 6.79
CA HIS A 342 9.57 4.44 5.57
C HIS A 342 10.43 5.56 5.02
N ASP A 343 10.70 5.48 3.72
CA ASP A 343 11.55 6.47 3.03
C ASP A 343 13.00 6.48 3.49
N SER A 344 13.47 5.33 3.98
CA SER A 344 14.91 5.10 4.18
C SER A 344 15.35 3.98 3.23
N GLY A 345 16.58 4.08 2.72
CA GLY A 345 17.25 2.90 2.11
C GLY A 345 16.60 2.36 0.84
N HIS A 346 15.93 3.24 0.06
CA HIS A 346 15.15 2.78 -1.08
C HIS A 346 15.99 2.07 -2.15
N LEU A 347 15.33 1.16 -2.87
CA LEU A 347 15.91 0.31 -3.91
C LEU A 347 16.55 -0.98 -3.39
N ASN A 348 17.09 -0.97 -2.17
CA ASN A 348 17.63 -2.20 -1.60
C ASN A 348 16.50 -3.00 -1.00
N TYR A 349 15.71 -3.67 -1.86
CA TYR A 349 14.47 -4.29 -1.40
C TYR A 349 14.73 -5.37 -0.36
N ALA A 350 15.87 -6.03 -0.50
CA ALA A 350 16.24 -7.13 0.40
C ALA A 350 16.71 -6.67 1.78
N ASP A 351 16.87 -5.36 1.99
CA ASP A 351 17.35 -4.86 3.27
C ASP A 351 16.16 -4.74 4.23
N ILE A 352 15.78 -5.86 4.81
CA ILE A 352 14.65 -5.92 5.72
C ILE A 352 15.06 -5.27 7.04
N GLY A 353 14.21 -4.41 7.59
CA GLY A 353 14.59 -3.58 8.73
C GLY A 353 15.10 -4.37 9.91
N LYS A 354 16.35 -4.11 10.28
CA LYS A 354 16.94 -4.82 11.44
C LYS A 354 16.35 -4.41 12.79
N ARG A 355 16.05 -3.12 12.99
CA ARG A 355 15.60 -2.70 14.30
C ARG A 355 14.16 -3.11 14.61
N ILE A 356 13.40 -3.57 13.60
CA ILE A 356 12.04 -4.07 13.83
C ILE A 356 11.99 -5.61 13.87
N GLY A 357 13.17 -6.22 13.81
CA GLY A 357 13.34 -7.67 14.07
C GLY A 357 13.93 -8.46 12.91
N GLY A 358 14.19 -7.77 11.81
CA GLY A 358 14.90 -8.37 10.68
C GLY A 358 14.10 -9.45 9.94
N VAL A 359 14.79 -10.15 9.05
CA VAL A 359 14.13 -11.19 8.20
C VAL A 359 13.54 -12.29 9.06
N GLU A 360 14.17 -12.63 10.19
CA GLU A 360 13.67 -13.70 11.05
CA GLU A 360 13.63 -13.75 10.96
C GLU A 360 12.27 -13.39 11.56
N ASP A 361 12.10 -12.17 12.07
CA ASP A 361 10.79 -11.82 12.63
C ASP A 361 9.76 -11.58 11.52
N PHE A 362 10.21 -11.11 10.36
CA PHE A 362 9.28 -10.90 9.23
C PHE A 362 8.76 -12.29 8.78
N LYS A 363 9.67 -13.27 8.68
CA LYS A 363 9.22 -14.63 8.33
C LYS A 363 8.22 -15.19 9.32
N THR A 364 8.49 -14.97 10.61
CA THR A 364 7.55 -15.44 11.64
C THR A 364 6.19 -14.75 11.51
N LEU A 365 6.22 -13.44 11.32
CA LEU A 365 4.97 -12.69 11.08
C LEU A 365 4.16 -13.28 9.91
N ILE A 366 4.82 -13.48 8.77
CA ILE A 366 4.11 -14.01 7.58
C ILE A 366 3.52 -15.39 7.89
N GLU A 367 4.32 -16.25 8.51
CA GLU A 367 3.87 -17.62 8.74
C GLU A 367 2.69 -17.69 9.73
N LYS A 368 2.86 -17.03 10.86
CA LYS A 368 1.82 -17.06 11.89
C LYS A 368 0.55 -16.31 11.51
N ALA A 369 0.66 -15.33 10.61
CA ALA A 369 -0.50 -14.57 10.16
C ALA A 369 -1.45 -15.40 9.27
N LYS A 370 -0.93 -16.45 8.66
CA LYS A 370 -1.70 -17.24 7.67
C LYS A 370 -3.03 -17.74 8.25
N LYS A 371 -2.96 -18.28 9.46
CA LYS A 371 -4.19 -18.83 10.06
C LYS A 371 -5.27 -17.78 10.34
N TYR A 372 -4.91 -16.49 10.38
CA TYR A 372 -5.87 -15.42 10.58
C TYR A 372 -6.29 -14.82 9.23
N GLY A 373 -5.85 -15.45 8.15
CA GLY A 373 -6.13 -14.88 6.81
C GLY A 373 -5.57 -13.48 6.64
N ALA A 374 -4.44 -13.21 7.30
CA ALA A 374 -3.84 -11.87 7.25
C ALA A 374 -2.65 -11.91 6.31
N HIS A 375 -2.73 -11.14 5.24
CA HIS A 375 -1.71 -11.14 4.18
C HIS A 375 -0.85 -9.91 4.38
N LEU A 376 0.46 -10.07 4.22
CA LEU A 376 1.35 -8.93 4.37
C LEU A 376 1.75 -8.38 3.01
N GLY A 377 1.94 -7.06 2.96
CA GLY A 377 2.55 -6.42 1.79
C GLY A 377 3.63 -5.46 2.24
N ILE A 378 4.51 -5.06 1.32
CA ILE A 378 5.54 -4.08 1.67
C ILE A 378 5.50 -2.88 0.73
N HIS A 379 5.89 -1.74 1.27
CA HIS A 379 6.00 -0.51 0.46
C HIS A 379 7.43 -0.42 -0.08
N VAL A 380 7.57 -0.33 -1.40
CA VAL A 380 8.88 -0.16 -2.02
C VAL A 380 8.85 1.04 -2.95
N ASN A 381 10.03 1.42 -3.47
CA ASN A 381 10.11 2.58 -4.34
C ASN A 381 11.03 2.18 -5.49
N ALA A 382 10.63 2.48 -6.73
CA ALA A 382 11.45 2.15 -7.89
C ALA A 382 11.73 3.45 -8.66
N SER A 383 11.71 4.59 -7.92
CA SER A 383 11.80 5.90 -8.60
C SER A 383 12.86 6.89 -8.07
N GLU A 384 13.37 6.65 -6.86
CA GLU A 384 14.30 7.59 -6.23
C GLU A 384 15.04 6.84 -5.13
N THR A 385 16.15 7.39 -4.70
CA THR A 385 16.95 6.74 -3.68
C THR A 385 17.76 7.76 -2.91
N TYR A 386 18.42 7.31 -1.85
CA TYR A 386 19.22 8.17 -0.97
C TYR A 386 20.62 7.64 -0.93
N PRO A 387 21.59 8.53 -0.65
CA PRO A 387 22.99 8.15 -0.64
C PRO A 387 23.29 6.91 0.18
N GLU A 388 22.61 6.75 1.33
CA GLU A 388 22.80 5.61 2.20
C GLU A 388 22.58 4.25 1.50
N SER A 389 21.72 4.21 0.49
CA SER A 389 21.33 2.91 -0.11
C SER A 389 22.47 2.26 -0.88
N LYS A 390 22.61 0.94 -0.71
CA LYS A 390 23.59 0.17 -1.48
C LYS A 390 23.50 0.43 -2.99
N TYR A 391 22.30 0.73 -3.48
CA TYR A 391 22.11 0.95 -4.91
C TYR A 391 22.23 2.40 -5.41
N PHE A 392 22.56 3.30 -4.51
CA PHE A 392 22.89 4.67 -4.93
C PHE A 392 24.23 4.64 -5.65
N ASN A 393 24.24 5.10 -6.90
CA ASN A 393 25.46 5.17 -7.69
C ASN A 393 25.24 6.27 -8.70
N GLU A 394 26.28 6.98 -9.15
CA GLU A 394 26.07 8.03 -10.14
C GLU A 394 25.31 7.55 -11.39
N LYS A 395 25.57 6.31 -11.81
CA LYS A 395 25.03 5.82 -13.08
C LYS A 395 23.53 5.66 -13.14
N ILE A 396 22.93 5.38 -11.98
CA ILE A 396 21.48 5.18 -11.90
C ILE A 396 20.67 6.47 -11.73
N LEU A 397 21.31 7.54 -11.30
CA LEU A 397 20.59 8.79 -11.02
C LEU A 397 20.07 9.49 -12.25
N ARG A 398 18.88 10.04 -12.09
CA ARG A 398 18.28 10.85 -13.15
C ARG A 398 18.89 12.25 -13.20
N LYS A 399 19.31 12.67 -14.39
CA LYS A 399 19.84 14.01 -14.60
C LYS A 399 18.90 14.75 -15.53
N ASN A 400 18.79 16.06 -15.32
CA ASN A 400 18.05 16.95 -16.22
C ASN A 400 18.85 17.17 -17.54
N PRO A 401 18.19 17.68 -18.60
CA PRO A 401 18.94 18.01 -19.82
C PRO A 401 20.19 18.90 -19.58
N ASP A 402 20.12 19.84 -18.64
CA ASP A 402 21.28 20.69 -18.32
C ASP A 402 22.39 20.03 -17.48
N GLY A 403 22.22 18.77 -17.13
CA GLY A 403 23.23 18.06 -16.37
C GLY A 403 23.01 18.00 -14.86
N SER A 404 22.09 18.81 -14.35
CA SER A 404 21.84 18.87 -12.91
C SER A 404 21.07 17.61 -12.48
N TYR A 405 21.16 17.26 -11.19
CA TYR A 405 20.39 16.14 -10.67
C TYR A 405 18.92 16.44 -10.65
N SER A 406 18.10 15.42 -10.95
CA SER A 406 16.67 15.53 -10.77
C SER A 406 16.45 15.13 -9.30
N TYR A 407 16.41 16.14 -8.42
CA TYR A 407 16.24 15.83 -7.00
C TYR A 407 14.88 15.26 -6.69
N GLY A 408 14.88 14.27 -5.78
CA GLY A 408 13.65 13.61 -5.36
C GLY A 408 13.22 14.08 -3.98
N TRP A 409 12.57 13.19 -3.23
CA TRP A 409 12.02 13.53 -1.93
C TRP A 409 13.11 13.94 -0.95
N ASN A 410 12.79 14.91 -0.09
CA ASN A 410 13.66 15.29 1.00
C ASN A 410 12.84 15.11 2.28
N TRP A 411 13.32 14.29 3.21
CA TRP A 411 12.64 14.23 4.51
C TRP A 411 13.64 13.88 5.62
N LEU A 412 14.04 12.61 5.70
CA LEU A 412 15.15 12.26 6.60
C LEU A 412 16.50 12.65 6.01
N ASP A 413 16.60 12.55 4.68
CA ASP A 413 17.78 12.89 3.89
C ASP A 413 17.25 13.45 2.57
N GLN A 414 18.15 14.02 1.78
CA GLN A 414 17.77 14.48 0.45
C GLN A 414 18.03 13.35 -0.58
N GLY A 415 16.96 12.87 -1.20
CA GLY A 415 17.03 11.80 -2.24
C GLY A 415 17.18 12.37 -3.65
N ILE A 416 17.55 11.50 -4.59
CA ILE A 416 17.69 11.90 -5.99
C ILE A 416 16.87 10.89 -6.78
N ASN A 417 16.10 11.38 -7.73
CA ASN A 417 15.37 10.49 -8.59
C ASN A 417 16.32 9.59 -9.39
N ILE A 418 15.84 8.38 -9.70
CA ILE A 418 16.59 7.48 -10.55
C ILE A 418 15.96 7.40 -11.93
N ASP A 419 16.73 6.91 -12.88
CA ASP A 419 16.25 6.79 -14.23
C ASP A 419 15.74 5.35 -14.38
N ALA A 420 14.41 5.18 -14.43
CA ALA A 420 13.83 3.83 -14.35
C ALA A 420 14.15 3.02 -15.59
N ALA A 421 14.26 3.71 -16.74
CA ALA A 421 14.59 2.98 -17.98
C ALA A 421 16.03 2.43 -17.91
N TYR A 422 16.96 3.27 -17.41
CA TYR A 422 18.33 2.84 -17.15
C TYR A 422 18.30 1.65 -16.19
N ASP A 423 17.52 1.79 -15.13
CA ASP A 423 17.47 0.77 -14.08
C ASP A 423 17.02 -0.61 -14.67
N LEU A 424 15.92 -0.59 -15.41
CA LEU A 424 15.44 -1.79 -16.09
C LEU A 424 16.53 -2.42 -16.97
N ALA A 425 17.25 -1.59 -17.71
CA ALA A 425 18.31 -2.07 -18.61
C ALA A 425 19.58 -2.54 -17.89
N HIS A 426 19.66 -2.27 -16.59
CA HIS A 426 20.85 -2.59 -15.81
C HIS A 426 20.50 -3.32 -14.52
N GLY A 427 19.75 -4.41 -14.64
CA GLY A 427 19.66 -5.36 -13.53
C GLY A 427 18.62 -5.08 -12.44
N ARG A 428 17.61 -4.25 -12.72
CA ARG A 428 16.55 -4.07 -11.70
C ARG A 428 15.96 -5.40 -11.22
N LEU A 429 15.72 -6.32 -12.16
CA LEU A 429 15.11 -7.61 -11.80
C LEU A 429 15.82 -8.30 -10.65
N ALA A 430 17.14 -8.28 -10.68
CA ALA A 430 17.90 -8.96 -9.64
C ALA A 430 17.61 -8.43 -8.22
N ARG A 431 17.25 -7.16 -8.09
CA ARG A 431 16.89 -6.67 -6.74
C ARG A 431 15.66 -7.36 -6.19
N TRP A 432 14.65 -7.58 -7.03
CA TRP A 432 13.47 -8.32 -6.55
C TRP A 432 13.85 -9.75 -6.23
N GLU A 433 14.67 -10.37 -7.09
CA GLU A 433 15.13 -11.74 -6.84
C GLU A 433 15.86 -11.87 -5.50
N ASP A 434 16.69 -10.88 -5.17
CA ASP A 434 17.43 -10.88 -3.91
C ASP A 434 16.49 -10.85 -2.72
N LEU A 435 15.47 -9.99 -2.82
CA LEU A 435 14.44 -9.98 -1.75
C LEU A 435 13.73 -11.32 -1.59
N LYS A 436 13.33 -11.91 -2.72
CA LYS A 436 12.66 -13.21 -2.69
C LYS A 436 13.56 -14.29 -2.06
N LYS A 437 14.85 -14.27 -2.40
CA LYS A 437 15.81 -15.27 -1.88
C LYS A 437 15.91 -15.14 -0.36
N LYS A 438 15.95 -13.90 0.13
CA LYS A 438 16.17 -13.66 1.56
C LYS A 438 14.90 -13.92 2.37
N LEU A 439 13.76 -13.46 1.85
CA LEU A 439 12.52 -13.50 2.61
C LEU A 439 11.79 -14.86 2.51
N GLY A 440 11.88 -15.47 1.33
CA GLY A 440 11.19 -16.73 1.06
C GLY A 440 9.73 -16.51 0.65
N ASP A 441 8.89 -17.50 0.95
CA ASP A 441 7.50 -17.54 0.42
C ASP A 441 6.53 -16.85 1.35
N GLY A 442 5.33 -16.58 0.85
CA GLY A 442 4.24 -16.23 1.72
C GLY A 442 3.89 -14.75 1.73
N LEU A 443 4.80 -13.89 1.26
CA LEU A 443 4.46 -12.46 1.15
C LEU A 443 3.38 -12.32 0.09
N ASP A 444 2.40 -11.45 0.34
CA ASP A 444 1.31 -11.28 -0.62
C ASP A 444 1.65 -10.23 -1.66
N PHE A 445 1.75 -8.96 -1.25
CA PHE A 445 1.78 -7.90 -2.24
C PHE A 445 2.96 -6.95 -2.14
N ILE A 446 3.38 -6.45 -3.30
CA ILE A 446 4.34 -5.36 -3.37
C ILE A 446 3.54 -4.12 -3.74
N TYR A 447 3.62 -3.12 -2.88
CA TYR A 447 3.03 -1.79 -3.17
C TYR A 447 4.17 -0.86 -3.62
N VAL A 448 4.15 -0.45 -4.88
CA VAL A 448 5.20 0.44 -5.42
C VAL A 448 4.66 1.87 -5.34
N ASP A 449 5.25 2.63 -4.43
CA ASP A 449 4.83 4.01 -4.19
C ASP A 449 5.42 4.87 -5.31
N VAL A 450 4.77 6.02 -5.54
CA VAL A 450 5.31 7.05 -6.47
CA VAL A 450 5.09 7.09 -6.51
C VAL A 450 5.11 6.72 -7.97
N TRP A 451 5.46 5.47 -8.32
CA TRP A 451 5.48 5.04 -9.73
C TRP A 451 4.20 5.48 -10.44
N GLY A 452 4.36 6.15 -11.56
CA GLY A 452 3.21 6.65 -12.30
C GLY A 452 3.19 8.16 -12.34
N ASN A 453 4.05 8.81 -11.55
CA ASN A 453 4.07 10.28 -11.53
C ASN A 453 5.22 10.87 -12.33
N GLY A 454 5.99 10.01 -12.98
CA GLY A 454 7.11 10.45 -13.83
C GLY A 454 8.41 10.89 -13.18
N GLN A 455 8.53 10.81 -11.85
CA GLN A 455 9.79 11.16 -11.20
C GLN A 455 10.99 10.41 -11.79
N SER A 456 10.78 9.15 -12.17
CA SER A 456 11.87 8.31 -12.66
C SER A 456 11.80 8.18 -14.18
N GLY A 457 11.08 9.12 -14.81
CA GLY A 457 10.87 9.11 -16.26
C GLY A 457 9.60 8.40 -16.65
N ASP A 458 9.71 7.54 -17.67
CA ASP A 458 8.51 6.92 -18.24
C ASP A 458 7.99 5.86 -17.23
N ASN A 459 6.74 6.06 -16.80
CA ASN A 459 6.10 5.13 -15.89
C ASN A 459 4.77 4.71 -16.49
N GLY A 460 4.68 4.73 -17.83
CA GLY A 460 3.42 4.50 -18.53
C GLY A 460 3.05 3.02 -18.62
N ALA A 461 2.13 2.71 -19.50
CA ALA A 461 1.55 1.34 -19.55
C ALA A 461 2.60 0.26 -19.80
N TRP A 462 3.46 0.45 -20.80
CA TRP A 462 4.48 -0.56 -21.14
C TRP A 462 5.46 -0.74 -19.96
N ALA A 463 5.94 0.38 -19.43
CA ALA A 463 6.98 0.33 -18.38
C ALA A 463 6.37 -0.28 -17.11
N THR A 464 5.09 0.00 -16.89
CA THR A 464 4.43 -0.51 -15.68
C THR A 464 4.19 -2.02 -15.81
N HIS A 465 3.80 -2.44 -17.02
CA HIS A 465 3.62 -3.86 -17.26
C HIS A 465 4.91 -4.64 -17.01
N VAL A 466 6.05 -4.09 -17.49
CA VAL A 466 7.34 -4.73 -17.26
C VAL A 466 7.66 -4.84 -15.76
N LEU A 467 7.47 -3.74 -15.04
CA LEU A 467 7.72 -3.69 -13.61
C LEU A 467 6.83 -4.71 -12.88
N ALA A 468 5.55 -4.76 -13.26
CA ALA A 468 4.61 -5.67 -12.62
C ALA A 468 5.02 -7.09 -12.89
N LYS A 469 5.49 -7.37 -14.12
CA LYS A 469 5.91 -8.73 -14.44
C LYS A 469 7.11 -9.18 -13.59
N GLU A 470 8.04 -8.28 -13.32
CA GLU A 470 9.19 -8.64 -12.46
C GLU A 470 8.67 -9.06 -11.09
N ILE A 471 7.75 -8.25 -10.58
CA ILE A 471 7.22 -8.50 -9.23
C ILE A 471 6.36 -9.79 -9.20
N ASN A 472 5.47 -9.93 -10.18
CA ASN A 472 4.60 -11.11 -10.25
C ASN A 472 5.44 -12.39 -10.40
N LYS A 473 6.58 -12.29 -11.08
CA LYS A 473 7.45 -13.49 -11.29
C LYS A 473 7.98 -14.04 -9.98
N GLN A 474 8.11 -13.18 -8.97
CA GLN A 474 8.54 -13.66 -7.68
C GLN A 474 7.41 -14.31 -6.89
N GLY A 475 6.18 -14.25 -7.42
CA GLY A 475 5.00 -14.79 -6.71
C GLY A 475 4.20 -13.74 -5.97
N TRP A 476 4.49 -12.46 -6.23
CA TRP A 476 3.85 -11.35 -5.50
C TRP A 476 2.78 -10.66 -6.33
N ARG A 477 1.77 -10.18 -5.64
CA ARG A 477 0.69 -9.40 -6.23
C ARG A 477 1.05 -7.92 -6.33
N PHE A 478 0.59 -7.25 -7.39
CA PHE A 478 1.00 -5.88 -7.66
C PHE A 478 -0.03 -4.85 -7.13
N ALA A 479 0.47 -3.80 -6.50
CA ALA A 479 -0.34 -2.70 -5.96
C ALA A 479 0.40 -1.37 -6.20
N ILE A 480 -0.36 -0.29 -6.37
CA ILE A 480 0.29 1.00 -6.69
CA ILE A 480 0.17 0.99 -6.84
C ILE A 480 -0.48 2.14 -6.07
N GLN A 481 0.09 3.34 -6.17
CA GLN A 481 -0.45 4.49 -5.44
C GLN A 481 -1.68 5.12 -6.13
N TRP A 482 -1.54 5.39 -7.42
CA TRP A 482 -2.47 6.25 -8.14
C TRP A 482 -3.70 5.51 -8.66
N GLY A 483 -4.82 6.23 -8.71
CA GLY A 483 -6.05 5.71 -9.30
C GLY A 483 -5.86 5.31 -10.76
N HIS A 484 -4.99 6.04 -11.47
CA HIS A 484 -4.76 5.78 -12.89
C HIS A 484 -3.61 4.78 -13.15
N GLY A 485 -2.92 4.33 -12.11
CA GLY A 485 -1.69 3.53 -12.32
C GLY A 485 -2.03 2.05 -12.54
N GLY A 486 -1.13 1.33 -13.19
CA GLY A 486 -1.20 -0.14 -13.27
C GLY A 486 -2.56 -0.70 -13.64
N GLU A 487 -3.21 -0.13 -14.66
CA GLU A 487 -4.60 -0.60 -14.93
C GLU A 487 -4.62 -2.09 -15.32
N TYR A 488 -3.56 -2.51 -16.01
CA TYR A 488 -3.47 -3.88 -16.49
C TYR A 488 -3.18 -4.89 -15.35
N ASP A 489 -2.25 -4.54 -14.45
CA ASP A 489 -1.72 -5.56 -13.48
C ASP A 489 -2.07 -5.31 -12.01
N SER A 490 -2.50 -4.09 -11.70
CA SER A 490 -2.71 -3.75 -10.28
C SER A 490 -3.99 -4.35 -9.70
N THR A 491 -3.96 -4.66 -8.42
CA THR A 491 -5.12 -5.16 -7.70
C THR A 491 -5.56 -4.22 -6.57
N PHE A 492 -4.83 -3.11 -6.39
CA PHE A 492 -5.08 -2.20 -5.25
C PHE A 492 -4.45 -0.86 -5.58
N HIS A 493 -5.18 0.22 -5.29
CA HIS A 493 -4.74 1.55 -5.63
C HIS A 493 -4.95 2.40 -4.39
N HIS A 494 -3.88 2.87 -3.79
CA HIS A 494 -4.04 3.54 -2.51
C HIS A 494 -4.96 4.78 -2.62
N TRP A 495 -4.83 5.54 -3.69
CA TRP A 495 -5.70 6.72 -3.88
C TRP A 495 -7.16 6.40 -4.27
N ALA A 496 -7.44 5.16 -4.66
CA ALA A 496 -8.83 4.71 -4.76
C ALA A 496 -9.35 4.29 -3.40
N ALA A 497 -8.53 3.58 -2.62
CA ALA A 497 -8.97 2.94 -1.36
C ALA A 497 -9.03 3.88 -0.17
N ASP A 498 -8.11 4.85 -0.12
CA ASP A 498 -8.21 5.89 0.91
C ASP A 498 -9.01 7.04 0.33
N LEU A 499 -10.28 7.10 0.72
CA LEU A 499 -11.20 8.00 0.05
C LEU A 499 -10.86 9.46 0.34
N THR A 500 -10.14 9.70 1.44
CA THR A 500 -9.80 11.09 1.80
C THR A 500 -8.77 11.73 0.88
N TYR A 501 -7.93 10.95 0.17
CA TYR A 501 -6.86 11.57 -0.67
C TYR A 501 -7.29 12.29 -1.92
N GLY A 502 -6.64 13.42 -2.18
CA GLY A 502 -6.58 13.94 -3.55
C GLY A 502 -7.77 14.69 -4.07
N GLY A 503 -8.92 14.55 -3.41
CA GLY A 503 -10.11 15.24 -3.88
C GLY A 503 -10.71 14.55 -5.10
N TYR A 504 -11.78 15.14 -5.61
CA TYR A 504 -12.69 14.43 -6.52
C TYR A 504 -12.08 14.07 -7.89
N THR A 505 -10.95 14.70 -8.24
CA THR A 505 -10.33 14.47 -9.57
C THR A 505 -9.30 13.33 -9.55
N ASN A 506 -9.02 12.79 -8.37
CA ASN A 506 -7.88 11.87 -8.19
C ASN A 506 -8.26 10.56 -7.54
N LYS A 507 -9.48 10.07 -7.79
CA LYS A 507 -9.95 8.89 -7.07
C LYS A 507 -9.86 7.65 -7.97
N GLY A 508 -10.67 6.63 -7.70
CA GLY A 508 -10.64 5.36 -8.47
C GLY A 508 -11.21 5.50 -9.87
N ILE A 509 -11.31 4.38 -10.57
CA ILE A 509 -11.66 4.40 -12.00
C ILE A 509 -13.16 4.62 -12.17
N ASN A 510 -13.51 5.79 -12.69
CA ASN A 510 -14.91 6.16 -12.84
C ASN A 510 -15.46 5.63 -14.16
N SER A 511 -15.73 4.33 -14.20
CA SER A 511 -16.24 3.68 -15.41
C SER A 511 -17.14 2.53 -14.99
N ALA A 512 -18.42 2.61 -15.35
CA ALA A 512 -19.34 1.48 -15.12
C ALA A 512 -18.92 0.23 -15.90
N ILE A 513 -18.48 0.42 -17.15
CA ILE A 513 -18.07 -0.74 -17.98
C ILE A 513 -16.88 -1.45 -17.29
N THR A 514 -15.88 -0.67 -16.89
CA THR A 514 -14.69 -1.28 -16.25
C THR A 514 -15.05 -1.94 -14.92
N ARG A 515 -15.85 -1.25 -14.11
CA ARG A 515 -16.23 -1.81 -12.82
C ARG A 515 -17.11 -3.05 -12.97
N PHE A 516 -18.03 -3.01 -13.95
CA PHE A 516 -18.83 -4.18 -14.27
C PHE A 516 -17.89 -5.37 -14.47
N ILE A 517 -16.88 -5.18 -15.33
CA ILE A 517 -16.01 -6.28 -15.71
C ILE A 517 -15.17 -6.79 -14.53
N ARG A 518 -14.59 -5.85 -13.77
CA ARG A 518 -13.49 -6.19 -12.86
C ARG A 518 -13.75 -5.91 -11.37
N ASN A 519 -14.98 -5.56 -11.01
CA ASN A 519 -15.22 -5.18 -9.62
C ASN A 519 -14.67 -6.19 -8.60
N HIS A 520 -14.81 -7.48 -8.92
CA HIS A 520 -14.44 -8.56 -8.01
C HIS A 520 -12.94 -8.81 -7.93
N GLN A 521 -12.14 -8.14 -8.76
CA GLN A 521 -10.72 -8.48 -8.91
C GLN A 521 -9.74 -7.49 -8.31
N LYS A 522 -10.25 -6.33 -7.88
CA LYS A 522 -9.35 -5.28 -7.41
C LYS A 522 -10.09 -4.26 -6.61
N ASP A 523 -9.33 -3.48 -5.84
CA ASP A 523 -9.88 -2.30 -5.16
C ASP A 523 -9.33 -1.11 -5.88
N ALA A 524 -10.07 -0.68 -6.90
CA ALA A 524 -9.58 0.33 -7.86
C ALA A 524 -10.69 1.34 -8.21
N TRP A 525 -11.74 1.35 -7.41
CA TRP A 525 -13.01 1.95 -7.83
C TRP A 525 -13.34 3.22 -7.05
N VAL A 526 -14.49 3.79 -7.36
CA VAL A 526 -14.98 4.98 -6.65
C VAL A 526 -15.84 4.51 -5.48
N GLY A 527 -15.42 4.86 -4.25
CA GLY A 527 -16.16 4.46 -3.06
C GLY A 527 -17.04 5.59 -2.59
N ASP A 528 -17.75 5.39 -1.49
CA ASP A 528 -18.69 6.40 -1.03
C ASP A 528 -17.99 7.55 -0.34
N TYR A 529 -18.06 8.73 -0.95
CA TYR A 529 -17.51 9.94 -0.36
C TYR A 529 -18.33 11.11 -0.89
N ARG A 530 -19.40 11.38 -0.15
CA ARG A 530 -20.46 12.25 -0.64
C ARG A 530 -19.95 13.59 -1.14
N SER A 531 -18.96 14.17 -0.48
CA SER A 531 -18.50 15.51 -0.85
C SER A 531 -17.78 15.59 -2.21
N TYR A 532 -17.50 14.43 -2.83
CA TYR A 532 -16.95 14.43 -4.20
C TYR A 532 -18.02 14.37 -5.25
N GLY A 533 -19.25 14.11 -4.86
CA GLY A 533 -20.35 14.03 -5.81
C GLY A 533 -20.20 12.95 -6.88
N GLY A 534 -20.94 13.11 -7.98
CA GLY A 534 -20.93 12.13 -9.08
C GLY A 534 -20.99 10.68 -8.61
N ALA A 535 -20.06 9.88 -9.14
CA ALA A 535 -20.00 8.45 -8.88
C ALA A 535 -19.76 8.12 -7.41
N ALA A 536 -19.22 9.09 -6.65
CA ALA A 536 -18.85 8.87 -5.27
C ALA A 536 -20.05 9.15 -4.33
N ASN A 537 -21.14 9.68 -4.87
CA ASN A 537 -22.32 9.86 -4.03
C ASN A 537 -23.12 8.56 -3.88
N TYR A 538 -22.62 7.67 -3.01
CA TYR A 538 -23.25 6.39 -2.72
C TYR A 538 -23.27 5.43 -3.93
N PRO A 539 -22.06 4.98 -4.35
CA PRO A 539 -21.99 3.91 -5.35
C PRO A 539 -22.70 2.67 -4.83
N LEU A 540 -23.53 2.05 -5.67
CA LEU A 540 -24.28 0.88 -5.21
C LEU A 540 -23.37 -0.30 -4.82
N LEU A 541 -22.22 -0.44 -5.50
CA LEU A 541 -21.32 -1.55 -5.17
C LEU A 541 -20.41 -1.20 -4.00
N GLY A 542 -20.61 -0.03 -3.40
CA GLY A 542 -19.72 0.43 -2.31
C GLY A 542 -18.37 0.78 -2.93
N GLY A 543 -17.29 0.33 -2.30
CA GLY A 543 -15.94 0.65 -2.76
C GLY A 543 -15.07 0.75 -1.52
N TYR A 544 -13.89 0.15 -1.61
CA TYR A 544 -13.03 0.01 -0.44
C TYR A 544 -12.76 1.36 0.21
N SER A 545 -12.91 1.40 1.55
CA SER A 545 -12.58 2.60 2.30
C SER A 545 -11.54 2.22 3.34
N MET A 546 -10.34 2.76 3.17
CA MET A 546 -9.22 2.35 4.00
C MET A 546 -8.95 3.37 5.11
N LYS A 547 -8.90 2.86 6.32
CA LYS A 547 -8.43 3.63 7.46
C LYS A 547 -7.30 2.83 8.13
N ASP A 548 -6.67 3.42 9.16
CA ASP A 548 -5.49 2.82 9.75
C ASP A 548 -5.46 3.12 11.25
N PHE A 549 -4.73 2.31 12.01
CA PHE A 549 -4.52 2.64 13.42
C PHE A 549 -3.07 2.43 13.86
N GLU A 550 -2.20 2.02 12.93
CA GLU A 550 -0.78 1.73 13.29
C GLU A 550 0.21 2.74 12.72
N GLY A 551 -0.20 4.01 12.71
CA GLY A 551 0.78 5.10 12.67
C GLY A 551 0.91 5.86 11.36
N TRP A 552 0.37 5.31 10.28
CA TRP A 552 0.39 6.00 8.99
C TRP A 552 -0.34 7.34 9.09
N GLN A 553 0.33 8.43 8.69
CA GLN A 553 -0.20 9.79 8.84
C GLN A 553 -0.76 10.04 10.24
N GLY A 554 -0.08 9.45 11.22
CA GLY A 554 -0.46 9.64 12.63
C GLY A 554 -1.76 8.96 13.02
N ARG A 555 -2.24 8.02 12.22
CA ARG A 555 -3.56 7.40 12.50
C ARG A 555 -3.46 6.38 13.60
N SER A 556 -4.35 6.49 14.59
CA SER A 556 -4.26 5.64 15.78
C SER A 556 -5.67 5.18 16.22
N ASP A 557 -6.69 5.60 15.50
CA ASP A 557 -8.07 5.35 15.97
C ASP A 557 -8.53 3.93 15.65
N TYR A 558 -8.27 3.01 16.58
CA TYR A 558 -8.63 1.61 16.45
C TYR A 558 -10.15 1.44 16.32
N ASN A 559 -10.89 2.09 17.21
CA ASN A 559 -12.35 1.92 17.18
C ASN A 559 -12.96 2.43 15.88
N GLY A 560 -12.54 3.61 15.44
CA GLY A 560 -12.99 4.16 14.14
C GLY A 560 -12.59 3.27 12.97
N TYR A 561 -11.43 2.62 13.09
CA TYR A 561 -10.99 1.67 12.06
C TYR A 561 -12.00 0.53 11.92
N VAL A 562 -12.37 -0.10 13.04
CA VAL A 562 -13.30 -1.22 13.03
C VAL A 562 -14.71 -0.81 12.56
N THR A 563 -15.23 0.32 13.07
CA THR A 563 -16.53 0.81 12.64
CA THR A 563 -16.55 0.74 12.60
C THR A 563 -16.54 1.02 11.11
N ASN A 564 -15.48 1.63 10.60
CA ASN A 564 -15.40 1.86 9.16
C ASN A 564 -15.36 0.56 8.35
N LEU A 565 -14.65 -0.46 8.82
CA LEU A 565 -14.72 -1.78 8.17
C LEU A 565 -16.16 -2.22 7.96
N PHE A 566 -16.96 -2.15 9.02
CA PHE A 566 -18.34 -2.62 8.92
C PHE A 566 -19.23 -1.65 8.19
N ALA A 567 -18.93 -0.35 8.25
CA ALA A 567 -19.82 0.64 7.58
C ALA A 567 -19.67 0.61 6.06
N HIS A 568 -18.48 0.26 5.56
CA HIS A 568 -18.17 0.30 4.11
C HIS A 568 -17.67 -1.00 3.53
N ASP A 569 -16.75 -1.66 4.25
CA ASP A 569 -15.95 -2.70 3.64
C ASP A 569 -16.55 -4.07 3.61
N VAL A 570 -17.30 -4.42 4.66
CA VAL A 570 -17.95 -5.74 4.68
C VAL A 570 -18.86 -5.95 3.43
N MET A 571 -19.73 -4.99 3.15
CA MET A 571 -20.63 -5.13 1.98
C MET A 571 -19.88 -4.97 0.66
N THR A 572 -18.88 -4.07 0.60
CA THR A 572 -18.00 -3.97 -0.57
C THR A 572 -17.42 -5.36 -0.92
N LYS A 573 -16.88 -6.04 0.11
CA LYS A 573 -16.25 -7.32 -0.10
C LYS A 573 -17.27 -8.40 -0.38
N TYR A 574 -18.43 -8.31 0.28
CA TYR A 574 -19.50 -9.27 0.00
C TYR A 574 -19.75 -9.29 -1.52
N PHE A 575 -19.95 -8.11 -2.09
CA PHE A 575 -20.24 -8.05 -3.55
C PHE A 575 -19.12 -8.62 -4.39
N GLN A 576 -17.87 -8.51 -3.92
CA GLN A 576 -16.75 -9.05 -4.68
C GLN A 576 -16.69 -10.58 -4.71
N HIS A 577 -17.56 -11.24 -3.93
CA HIS A 577 -17.71 -12.70 -3.99
C HIS A 577 -18.65 -13.13 -5.12
N PHE A 578 -19.12 -12.16 -5.89
CA PHE A 578 -19.97 -12.41 -7.06
C PHE A 578 -19.42 -11.62 -8.24
N THR A 579 -19.89 -11.96 -9.44
CA THR A 579 -19.57 -11.14 -10.63
C THR A 579 -20.79 -10.35 -11.09
N VAL A 580 -20.58 -9.12 -11.53
CA VAL A 580 -21.68 -8.27 -11.98
C VAL A 580 -22.32 -8.92 -13.23
N SER A 581 -23.64 -8.99 -13.25
CA SER A 581 -24.33 -9.58 -14.42
C SER A 581 -25.23 -8.56 -15.14
N LYS A 582 -25.68 -7.53 -14.43
CA LYS A 582 -26.56 -6.52 -15.03
C LYS A 582 -26.36 -5.18 -14.36
N TRP A 583 -26.49 -4.11 -15.13
CA TRP A 583 -26.23 -2.78 -14.63
C TRP A 583 -27.24 -1.86 -15.27
N GLU A 584 -28.09 -1.23 -14.45
CA GLU A 584 -29.16 -0.37 -14.99
C GLU A 584 -28.98 1.03 -14.47
N ASN A 585 -28.84 2.00 -15.39
CA ASN A 585 -28.76 3.40 -15.02
C ASN A 585 -30.15 4.04 -14.89
N GLY A 586 -30.20 5.12 -14.14
CA GLY A 586 -31.44 5.88 -13.93
C GLY A 586 -31.42 7.12 -14.79
N THR A 587 -32.28 8.07 -14.45
CA THR A 587 -32.27 9.30 -15.20
C THR A 587 -31.23 10.29 -14.65
N PRO A 588 -30.72 11.22 -15.50
CA PRO A 588 -29.68 12.13 -15.06
C PRO A 588 -30.15 13.02 -13.92
N VAL A 589 -29.23 13.32 -13.00
CA VAL A 589 -29.53 14.19 -11.86
C VAL A 589 -28.60 15.36 -11.98
N THR A 590 -28.92 16.44 -11.28
CA THR A 590 -28.05 17.61 -11.26
C THR A 590 -27.44 17.71 -9.86
N MET A 591 -26.11 17.84 -9.82
CA MET A 591 -25.40 17.98 -8.56
CA MET A 591 -25.38 17.97 -8.57
C MET A 591 -24.55 19.25 -8.57
N THR A 592 -24.27 19.79 -7.39
CA THR A 592 -23.42 20.96 -7.26
C THR A 592 -22.43 20.68 -6.13
N ASP A 593 -21.14 20.66 -6.45
CA ASP A 593 -20.09 20.49 -5.45
C ASP A 593 -18.77 20.78 -6.14
N ASN A 594 -17.74 21.08 -5.36
CA ASN A 594 -16.39 21.33 -5.88
C ASN A 594 -16.32 22.40 -6.96
N GLY A 595 -17.20 23.39 -6.82
CA GLY A 595 -17.18 24.53 -7.73
C GLY A 595 -17.91 24.36 -9.05
N SER A 596 -18.69 23.30 -9.25
CA SER A 596 -19.47 23.23 -10.48
CA SER A 596 -19.41 23.09 -10.51
C SER A 596 -20.83 22.62 -10.27
N THR A 597 -21.72 22.91 -11.22
CA THR A 597 -23.05 22.31 -11.26
C THR A 597 -23.04 21.46 -12.51
N TYR A 598 -23.41 20.19 -12.39
CA TYR A 598 -23.14 19.25 -13.47
C TYR A 598 -24.20 18.15 -13.49
N LYS A 599 -24.34 17.50 -14.65
CA LYS A 599 -25.24 16.37 -14.78
C LYS A 599 -24.49 15.07 -14.50
N TRP A 600 -25.17 14.15 -13.83
CA TRP A 600 -24.60 12.84 -13.51
C TRP A 600 -25.68 11.78 -13.69
N THR A 601 -25.35 10.68 -14.38
CA THR A 601 -26.31 9.60 -14.55
C THR A 601 -25.95 8.45 -13.62
N PRO A 602 -26.79 8.20 -12.59
CA PRO A 602 -26.42 7.20 -11.59
C PRO A 602 -26.87 5.80 -11.91
N GLU A 603 -26.11 4.82 -11.43
CA GLU A 603 -26.57 3.45 -11.47
C GLU A 603 -27.72 3.31 -10.46
N MET A 604 -28.80 2.65 -10.88
CA MET A 604 -29.99 2.46 -10.02
C MET A 604 -30.17 1.02 -9.57
N ARG A 605 -29.68 0.08 -10.37
CA ARG A 605 -29.80 -1.32 -10.01
CA ARG A 605 -29.78 -1.33 -10.00
C ARG A 605 -28.62 -2.10 -10.60
N VAL A 606 -27.96 -2.88 -9.76
CA VAL A 606 -26.87 -3.74 -10.21
C VAL A 606 -27.18 -5.14 -9.77
N GLU A 607 -27.10 -6.11 -10.68
CA GLU A 607 -27.27 -7.53 -10.32
C GLU A 607 -25.94 -8.25 -10.40
N LEU A 608 -25.73 -9.23 -9.52
CA LEU A 608 -24.50 -10.04 -9.49
C LEU A 608 -24.88 -11.49 -9.30
N VAL A 609 -23.99 -12.40 -9.70
CA VAL A 609 -24.25 -13.83 -9.64
C VAL A 609 -22.97 -14.56 -9.25
N ASP A 610 -23.11 -15.81 -8.81
CA ASP A 610 -21.93 -16.63 -8.56
C ASP A 610 -22.11 -17.99 -9.25
N ALA A 611 -21.11 -18.86 -9.14
CA ALA A 611 -21.09 -20.12 -9.85
C ALA A 611 -22.17 -21.07 -9.35
N ASP A 612 -22.73 -20.79 -8.17
CA ASP A 612 -23.84 -21.62 -7.62
C ASP A 612 -25.20 -21.04 -7.98
N ASN A 613 -25.20 -20.06 -8.88
CA ASN A 613 -26.39 -19.36 -9.33
CA ASN A 613 -26.41 -19.39 -9.33
C ASN A 613 -27.11 -18.56 -8.24
N ASN A 614 -26.38 -18.18 -7.18
CA ASN A 614 -26.95 -17.21 -6.26
C ASN A 614 -27.10 -15.90 -7.00
N LYS A 615 -28.16 -15.17 -6.69
CA LYS A 615 -28.41 -13.90 -7.35
C LYS A 615 -28.52 -12.78 -6.33
N VAL A 616 -27.71 -11.75 -6.50
CA VAL A 616 -27.73 -10.58 -5.64
C VAL A 616 -28.23 -9.40 -6.45
N VAL A 617 -29.19 -8.65 -5.90
CA VAL A 617 -29.73 -7.47 -6.56
C VAL A 617 -29.58 -6.29 -5.66
N VAL A 618 -28.90 -5.28 -6.16
CA VAL A 618 -28.66 -4.07 -5.36
C VAL A 618 -29.43 -2.92 -6.00
N THR A 619 -30.34 -2.29 -5.26
CA THR A 619 -31.18 -1.26 -5.87
C THR A 619 -31.09 0.02 -5.08
N ARG A 620 -30.83 1.14 -5.77
CA ARG A 620 -30.84 2.44 -5.12
C ARG A 620 -32.29 2.78 -4.77
N LYS A 621 -32.50 3.37 -3.59
CA LYS A 621 -33.89 3.50 -3.11
C LYS A 621 -34.65 4.63 -3.80
N SER A 622 -33.93 5.63 -4.30
CA SER A 622 -34.53 6.66 -5.14
C SER A 622 -33.51 7.27 -6.10
N ASN A 623 -34.00 7.71 -7.26
CA ASN A 623 -33.21 8.43 -8.29
C ASN A 623 -33.16 9.91 -7.95
N ASP A 624 -33.96 10.33 -6.96
CA ASP A 624 -33.99 11.74 -6.58
C ASP A 624 -32.78 12.11 -5.74
N VAL A 625 -31.88 12.90 -6.31
CA VAL A 625 -30.57 13.10 -5.69
C VAL A 625 -30.68 13.95 -4.42
N ASN A 626 -31.81 14.64 -4.28
CA ASN A 626 -32.04 15.45 -3.08
C ASN A 626 -32.83 14.75 -1.99
N SER A 627 -33.16 13.49 -2.22
CA SER A 627 -33.82 12.63 -1.26
C SER A 627 -32.77 11.83 -0.45
N PRO A 628 -33.03 11.61 0.84
CA PRO A 628 -32.15 10.69 1.60
C PRO A 628 -32.10 9.31 1.00
N GLN A 629 -33.15 8.92 0.26
CA GLN A 629 -33.18 7.58 -0.32
C GLN A 629 -32.19 7.39 -1.48
N TYR A 630 -31.64 8.49 -1.99
CA TYR A 630 -30.59 8.40 -3.06
C TYR A 630 -29.35 7.73 -2.47
N ARG A 631 -29.12 7.95 -1.17
CA ARG A 631 -27.94 7.40 -0.51
C ARG A 631 -28.29 6.15 0.31
N GLU A 632 -29.32 5.43 -0.13
CA GLU A 632 -29.73 4.15 0.46
C GLU A 632 -29.91 3.10 -0.62
N ARG A 633 -29.69 1.85 -0.27
CA ARG A 633 -29.94 0.74 -1.18
C ARG A 633 -30.66 -0.39 -0.47
N THR A 634 -31.33 -1.23 -1.24
CA THR A 634 -31.72 -2.53 -0.74
C THR A 634 -30.80 -3.54 -1.39
N VAL A 635 -30.51 -4.61 -0.67
CA VAL A 635 -29.77 -5.73 -1.24
C VAL A 635 -30.58 -6.97 -0.96
N THR A 636 -30.82 -7.76 -2.01
CA THR A 636 -31.45 -9.07 -1.81
C THR A 636 -30.51 -10.16 -2.27
N LEU A 637 -30.58 -11.30 -1.58
CA LEU A 637 -29.91 -12.52 -1.95
C LEU A 637 -30.99 -13.56 -2.26
N ASN A 638 -31.09 -13.96 -3.52
CA ASN A 638 -32.17 -14.86 -3.96
C ASN A 638 -33.53 -14.37 -3.45
N GLY A 639 -33.73 -13.06 -3.52
CA GLY A 639 -35.01 -12.48 -3.20
C GLY A 639 -35.16 -12.05 -1.75
N ARG A 640 -34.26 -12.51 -0.88
CA ARG A 640 -34.32 -12.24 0.56
C ARG A 640 -33.54 -10.98 0.92
N VAL A 641 -34.18 -10.07 1.64
CA VAL A 641 -33.56 -8.75 1.94
C VAL A 641 -32.43 -8.93 3.00
N ILE A 642 -31.20 -8.55 2.63
CA ILE A 642 -30.05 -8.58 3.54
C ILE A 642 -29.50 -7.20 3.88
N GLN A 643 -29.91 -6.19 3.11
CA GLN A 643 -29.66 -4.80 3.47
C GLN A 643 -30.82 -3.94 3.09
N ASP A 644 -31.13 -2.99 3.95
CA ASP A 644 -32.08 -1.95 3.62
C ASP A 644 -31.67 -0.69 4.34
N GLY A 645 -31.13 0.26 3.59
CA GLY A 645 -30.76 1.55 4.17
C GLY A 645 -29.59 1.42 5.14
N SER A 646 -29.76 1.93 6.34
CA SER A 646 -28.65 2.02 7.34
C SER A 646 -28.25 0.68 7.93
N ALA A 647 -29.04 -0.36 7.72
CA ALA A 647 -28.74 -1.68 8.35
C ALA A 647 -28.57 -2.82 7.39
N TYR A 648 -27.72 -3.78 7.74
CA TYR A 648 -27.67 -5.02 7.02
C TYR A 648 -27.59 -6.19 7.96
N LEU A 649 -28.10 -7.32 7.49
CA LEU A 649 -27.87 -8.60 8.13
C LEU A 649 -27.39 -9.52 7.02
N THR A 650 -26.07 -9.66 6.90
CA THR A 650 -25.49 -10.31 5.73
C THR A 650 -24.88 -11.64 6.05
N PRO A 651 -25.19 -12.66 5.22
CA PRO A 651 -24.54 -13.96 5.45
C PRO A 651 -23.05 -13.81 5.12
N TRP A 652 -22.24 -14.62 5.75
CA TRP A 652 -20.82 -14.68 5.43
C TRP A 652 -20.44 -16.13 5.52
N ASN A 653 -20.10 -16.73 4.39
CA ASN A 653 -19.84 -18.15 4.30
C ASN A 653 -18.41 -18.55 3.96
N TRP A 654 -17.48 -17.64 4.26
CA TRP A 654 -16.09 -17.84 3.87
C TRP A 654 -15.23 -17.59 5.09
N ASP A 655 -14.17 -18.37 5.24
CA ASP A 655 -13.28 -18.12 6.37
C ASP A 655 -12.33 -16.94 6.03
N ALA A 656 -11.39 -16.64 6.91
CA ALA A 656 -10.52 -15.46 6.73
C ALA A 656 -9.70 -15.53 5.46
N ASN A 657 -9.44 -16.76 5.00
CA ASN A 657 -8.68 -17.00 3.75
C ASN A 657 -9.58 -17.23 2.53
N GLY A 658 -10.89 -17.05 2.73
CA GLY A 658 -11.85 -17.19 1.66
C GLY A 658 -12.39 -18.59 1.40
N LYS A 659 -11.94 -19.58 2.18
CA LYS A 659 -12.40 -20.97 1.97
C LYS A 659 -13.83 -21.12 2.47
N LYS A 660 -14.60 -22.00 1.82
CA LYS A 660 -15.99 -22.19 2.20
C LYS A 660 -16.08 -22.70 3.66
N LEU A 661 -16.97 -22.12 4.44
CA LEU A 661 -17.12 -22.50 5.84
C LEU A 661 -17.93 -23.79 5.96
N SER A 662 -17.65 -24.59 7.00
CA SER A 662 -18.50 -25.74 7.33
C SER A 662 -19.85 -25.18 7.76
N THR A 663 -20.90 -25.98 7.64
CA THR A 663 -22.25 -25.54 7.96
C THR A 663 -22.34 -24.93 9.37
N ASP A 664 -21.68 -25.55 10.33
CA ASP A 664 -21.79 -25.08 11.71
C ASP A 664 -21.02 -23.77 11.96
N LYS A 665 -20.17 -23.37 11.01
CA LYS A 665 -19.46 -22.08 11.10
C LYS A 665 -20.07 -20.96 10.23
N GLU A 666 -21.10 -21.27 9.44
CA GLU A 666 -21.78 -20.23 8.65
C GLU A 666 -22.40 -19.22 9.64
N LYS A 667 -22.35 -17.94 9.28
CA LYS A 667 -22.75 -16.89 10.19
C LYS A 667 -23.42 -15.77 9.42
N MET A 668 -23.89 -14.77 10.16
CA MET A 668 -24.42 -13.54 9.61
C MET A 668 -23.87 -12.40 10.42
N TYR A 669 -23.54 -11.30 9.74
CA TYR A 669 -23.13 -10.10 10.42
C TYR A 669 -24.26 -9.11 10.43
N TYR A 670 -24.44 -8.46 11.57
CA TYR A 670 -25.37 -7.35 11.66
C TYR A 670 -24.65 -6.05 12.00
N PHE A 671 -25.04 -4.99 11.32
CA PHE A 671 -24.50 -3.67 11.57
C PHE A 671 -25.52 -2.63 11.13
N ASN A 672 -25.73 -1.62 11.98
CA ASN A 672 -26.70 -0.56 11.69
C ASN A 672 -26.07 0.74 12.08
N THR A 673 -26.03 1.69 11.16
CA THR A 673 -25.41 2.98 11.47
C THR A 673 -26.34 3.89 12.27
N GLN A 674 -27.59 3.44 12.42
CA GLN A 674 -28.62 4.18 13.14
C GLN A 674 -29.13 3.37 14.31
N ALA A 675 -29.73 4.04 15.29
CA ALA A 675 -30.47 3.31 16.33
C ALA A 675 -31.79 2.80 15.74
N GLY A 676 -32.38 1.76 16.31
CA GLY A 676 -33.74 1.37 15.93
C GLY A 676 -33.87 -0.09 15.62
N ALA A 677 -35.05 -0.65 15.85
CA ALA A 677 -35.29 -2.06 15.58
C ALA A 677 -35.36 -2.36 14.07
N THR A 678 -34.82 -3.51 13.66
CA THR A 678 -34.95 -3.95 12.28
C THR A 678 -35.42 -5.39 12.30
N THR A 679 -36.21 -5.79 11.30
CA THR A 679 -36.71 -7.16 11.22
C THR A 679 -36.26 -7.81 9.92
N TRP A 680 -35.88 -9.08 10.00
CA TRP A 680 -35.23 -9.79 8.88
C TRP A 680 -35.84 -11.15 8.74
N THR A 681 -36.06 -11.56 7.49
CA THR A 681 -36.47 -12.90 7.19
C THR A 681 -35.28 -13.82 7.09
N LEU A 682 -35.30 -14.90 7.86
CA LEU A 682 -34.21 -15.87 7.80
C LEU A 682 -34.34 -16.74 6.57
N PRO A 683 -33.21 -17.22 6.03
CA PRO A 683 -33.25 -18.21 4.96
C PRO A 683 -33.74 -19.56 5.49
N SER A 684 -34.17 -20.43 4.57
CA SER A 684 -34.82 -21.67 4.96
C SER A 684 -33.96 -22.53 5.87
N ASP A 685 -32.63 -22.47 5.71
CA ASP A 685 -31.73 -23.29 6.54
C ASP A 685 -31.39 -22.67 7.90
N TRP A 686 -32.01 -21.53 8.20
CA TRP A 686 -31.90 -20.92 9.53
C TRP A 686 -33.26 -20.83 10.23
N ALA A 687 -34.33 -20.80 9.42
CA ALA A 687 -35.66 -20.46 9.90
C ALA A 687 -36.17 -21.38 11.03
N LYS A 688 -35.72 -22.63 11.03
CA LYS A 688 -36.15 -23.62 12.04
C LYS A 688 -35.06 -23.96 13.04
N SER A 689 -34.04 -23.12 13.08
CA SER A 689 -32.87 -23.34 13.91
C SER A 689 -32.93 -22.45 15.13
N LYS A 690 -32.22 -22.81 16.21
CA LYS A 690 -31.97 -21.81 17.25
C LYS A 690 -30.96 -20.80 16.67
N VAL A 691 -30.97 -19.59 17.20
CA VAL A 691 -30.09 -18.53 16.70
C VAL A 691 -29.50 -17.80 17.88
N TYR A 692 -28.18 -17.59 17.84
CA TYR A 692 -27.45 -16.91 18.92
C TYR A 692 -26.79 -15.64 18.43
N LEU A 693 -26.91 -14.58 19.19
CA LEU A 693 -26.34 -13.27 18.90
C LEU A 693 -25.10 -12.99 19.76
N TYR A 694 -24.05 -12.42 19.15
CA TYR A 694 -22.84 -11.98 19.87
C TYR A 694 -22.45 -10.55 19.52
N LYS A 695 -22.10 -9.76 20.53
CA LYS A 695 -21.53 -8.42 20.30
C LYS A 695 -20.04 -8.60 20.07
N LEU A 696 -19.54 -8.06 18.95
CA LEU A 696 -18.12 -8.23 18.62
C LEU A 696 -17.30 -7.09 19.19
N THR A 697 -16.31 -7.42 20.01
CA THR A 697 -15.40 -6.41 20.57
C THR A 697 -13.97 -6.89 20.31
N ASP A 698 -13.00 -6.14 20.84
CA ASP A 698 -11.59 -6.54 20.73
C ASP A 698 -11.34 -7.79 21.56
N GLN A 699 -12.31 -8.20 22.40
CA GLN A 699 -12.22 -9.50 23.07
C GLN A 699 -12.95 -10.62 22.33
N GLY A 700 -13.43 -10.35 21.11
CA GLY A 700 -14.11 -11.38 20.33
C GLY A 700 -15.62 -11.35 20.54
N LYS A 701 -16.22 -12.53 20.53
CA LYS A 701 -17.66 -12.68 20.69
C LYS A 701 -18.05 -12.57 22.15
N THR A 702 -18.92 -11.60 22.46
CA THR A 702 -19.35 -11.31 23.84
C THR A 702 -20.89 -11.24 23.97
N GLU A 703 -21.38 -11.21 25.21
CA GLU A 703 -22.81 -10.98 25.48
C GLU A 703 -23.71 -11.92 24.69
N GLU A 704 -23.41 -13.22 24.74
CA GLU A 704 -24.20 -14.25 24.09
C GLU A 704 -25.67 -14.10 24.43
N GLN A 705 -26.53 -14.11 23.41
CA GLN A 705 -27.98 -14.00 23.64
C GLN A 705 -28.69 -14.87 22.62
N GLU A 706 -29.56 -15.78 23.09
CA GLU A 706 -30.34 -16.59 22.17
C GLU A 706 -31.51 -15.72 21.69
N LEU A 707 -31.77 -15.73 20.39
CA LEU A 707 -32.84 -14.90 19.85
C LEU A 707 -34.14 -15.71 19.70
N THR A 708 -35.25 -14.99 19.76
CA THR A 708 -36.58 -15.56 19.51
C THR A 708 -36.91 -15.47 18.03
N VAL A 709 -37.15 -16.61 17.38
CA VAL A 709 -37.54 -16.61 15.98
C VAL A 709 -39.06 -16.69 15.94
N LYS A 710 -39.70 -15.71 15.30
CA LYS A 710 -41.16 -15.70 15.12
C LYS A 710 -41.52 -15.66 13.63
N ASP A 711 -42.31 -16.63 13.16
CA ASP A 711 -42.74 -16.69 11.75
C ASP A 711 -41.52 -16.67 10.82
N GLY A 712 -40.45 -17.35 11.22
CA GLY A 712 -39.20 -17.41 10.45
C GLY A 712 -38.45 -16.07 10.35
N LYS A 713 -38.83 -15.11 11.21
CA LYS A 713 -38.17 -13.79 11.30
C LYS A 713 -37.49 -13.54 12.65
N ILE A 714 -36.50 -12.63 12.66
CA ILE A 714 -35.91 -12.10 13.88
C ILE A 714 -35.94 -10.60 13.86
N THR A 715 -35.97 -10.01 15.04
CA THR A 715 -35.96 -8.59 15.21
C THR A 715 -34.77 -8.18 16.06
N LEU A 716 -34.01 -7.21 15.58
CA LEU A 716 -32.78 -6.80 16.24
C LEU A 716 -32.85 -5.33 16.58
N ASP A 717 -32.65 -5.02 17.85
CA ASP A 717 -32.71 -3.66 18.32
C ASP A 717 -31.48 -3.42 19.18
N LEU A 718 -30.39 -3.03 18.52
CA LEU A 718 -29.07 -3.12 19.09
C LEU A 718 -28.36 -1.78 18.97
N LEU A 719 -27.13 -1.69 19.47
CA LEU A 719 -26.39 -0.43 19.44
C LEU A 719 -26.00 -0.06 18.00
N ALA A 720 -26.07 1.23 17.68
CA ALA A 720 -25.66 1.79 16.37
C ALA A 720 -24.14 1.68 16.26
N ASN A 721 -23.67 1.50 15.03
CA ASN A 721 -22.21 1.51 14.76
C ASN A 721 -21.45 0.49 15.58
N GLN A 722 -22.09 -0.66 15.77
CA GLN A 722 -21.53 -1.74 16.55
C GLN A 722 -21.72 -3.07 15.85
N PRO A 723 -20.61 -3.79 15.56
CA PRO A 723 -20.77 -5.09 14.89
C PRO A 723 -21.31 -6.19 15.80
N TYR A 724 -22.17 -7.03 15.23
CA TYR A 724 -22.64 -8.24 15.87
C TYR A 724 -22.51 -9.37 14.88
N VAL A 725 -22.42 -10.60 15.40
CA VAL A 725 -22.43 -11.79 14.58
C VAL A 725 -23.44 -12.80 15.14
N LEU A 726 -24.08 -13.55 14.23
CA LEU A 726 -25.09 -14.54 14.57
C LEU A 726 -24.68 -15.89 14.09
N TYR A 727 -24.96 -16.91 14.91
CA TYR A 727 -24.71 -18.29 14.52
C TYR A 727 -25.94 -19.14 14.93
N ARG A 728 -26.03 -20.35 14.39
CA ARG A 728 -27.09 -21.31 14.74
C ARG A 728 -26.71 -22.23 15.91
N SER A 729 -25.47 -22.09 16.42
CA SER A 729 -25.03 -22.84 17.62
C SER A 729 -24.11 -21.98 18.45
N LYS A 730 -23.96 -22.32 19.73
CA LYS A 730 -23.14 -21.54 20.65
C LYS A 730 -21.68 -21.56 20.21
N GLN A 731 -21.04 -20.39 20.28
CA GLN A 731 -19.64 -20.26 19.86
C GLN A 731 -18.80 -19.77 21.03
N THR A 732 -17.49 -20.02 20.96
CA THR A 732 -16.54 -19.52 21.96
C THR A 732 -15.39 -18.79 21.25
N ASN A 733 -14.52 -18.16 22.04
CA ASN A 733 -13.36 -17.43 21.49
C ASN A 733 -12.09 -18.26 21.71
N PRO A 734 -11.23 -18.38 20.68
CA PRO A 734 -10.06 -19.23 20.84
C PRO A 734 -8.93 -18.57 21.65
N GLU A 735 -7.96 -19.37 22.08
CA GLU A 735 -6.73 -18.86 22.66
C GLU A 735 -5.97 -18.15 21.54
N MET A 736 -5.44 -16.97 21.82
CA MET A 736 -4.76 -16.15 20.79
C MET A 736 -3.22 -16.24 20.80
N SER A 737 -2.64 -16.85 21.85
CA SER A 737 -1.18 -16.92 21.99
C SER A 737 -0.57 -15.53 21.82
N TRP A 738 -1.10 -14.57 22.57
CA TRP A 738 -0.68 -13.18 22.43
C TRP A 738 0.81 -13.01 22.57
N SER A 739 1.40 -12.29 21.61
CA SER A 739 2.81 -11.92 21.60
C SER A 739 3.74 -13.10 21.38
N GLU A 740 3.24 -14.16 20.73
CA GLU A 740 4.10 -15.30 20.46
C GLU A 740 5.37 -14.88 19.73
N GLY A 741 6.48 -15.43 20.19
CA GLY A 741 7.78 -15.11 19.59
C GLY A 741 8.46 -13.92 20.26
N MET A 742 7.73 -13.18 21.10
CA MET A 742 8.30 -11.99 21.76
C MET A 742 8.77 -12.24 23.18
N HIS A 743 8.79 -13.51 23.57
CA HIS A 743 9.38 -13.92 24.89
C HIS A 743 8.53 -13.57 26.12
N ILE A 744 7.34 -12.98 25.90
CA ILE A 744 6.46 -12.64 27.01
C ILE A 744 5.02 -12.81 26.53
N TYR A 745 4.08 -13.03 27.44
CA TYR A 745 2.69 -13.21 27.00
C TYR A 745 1.98 -11.88 27.07
N ASP A 746 1.39 -11.48 25.94
CA ASP A 746 0.52 -10.28 25.88
C ASP A 746 1.23 -8.97 26.25
N GLN A 747 2.23 -8.61 25.44
CA GLN A 747 3.05 -7.42 25.66
C GLN A 747 2.31 -6.09 25.55
N GLY A 748 1.14 -6.11 24.91
CA GLY A 748 0.38 -4.87 24.66
C GLY A 748 -0.91 -4.78 25.46
N PHE A 749 -1.11 -5.75 26.36
CA PHE A 749 -2.28 -5.77 27.31
C PHE A 749 -3.62 -5.86 26.60
N ASN A 750 -3.67 -6.75 25.59
CA ASN A 750 -4.81 -6.97 24.74
C ASN A 750 -5.73 -8.12 25.13
N SER A 751 -5.33 -8.90 26.14
CA SER A 751 -6.01 -10.16 26.41
C SER A 751 -7.11 -10.04 27.49
N GLY A 752 -7.32 -8.84 27.99
CA GLY A 752 -8.42 -8.60 28.93
C GLY A 752 -8.16 -9.14 30.34
N THR A 753 -6.93 -9.57 30.62
CA THR A 753 -6.62 -10.16 31.92
C THR A 753 -5.17 -9.91 32.27
N LEU A 754 -4.88 -9.92 33.59
CA LEU A 754 -3.50 -9.89 34.06
C LEU A 754 -3.12 -11.21 34.72
N LYS A 755 -3.97 -12.23 34.55
CA LYS A 755 -3.78 -13.45 35.34
C LYS A 755 -2.47 -14.19 35.04
N HIS A 756 -1.90 -13.97 33.85
CA HIS A 756 -0.62 -14.60 33.50
C HIS A 756 0.59 -13.88 34.14
N TRP A 757 0.37 -12.74 34.82
CA TRP A 757 1.45 -12.11 35.57
C TRP A 757 1.41 -12.58 37.02
N THR A 758 2.56 -12.75 37.65
CA THR A 758 2.61 -13.00 39.10
C THR A 758 2.66 -11.65 39.75
N ILE A 759 1.65 -11.33 40.54
CA ILE A 759 1.57 -10.00 41.12
C ILE A 759 1.98 -10.07 42.59
N SER A 760 2.92 -9.22 42.98
CA SER A 760 3.40 -9.10 44.36
C SER A 760 2.89 -7.78 44.91
N GLY A 761 2.26 -7.82 46.09
CA GLY A 761 1.62 -6.63 46.61
C GLY A 761 0.12 -6.67 46.36
N ASP A 762 -0.50 -5.51 46.48
CA ASP A 762 -1.95 -5.43 46.43
C ASP A 762 -2.39 -5.39 44.97
N ALA A 763 -2.87 -6.53 44.49
CA ALA A 763 -3.30 -6.71 43.10
C ALA A 763 -4.42 -5.75 42.65
N SER A 764 -5.19 -5.21 43.60
CA SER A 764 -6.29 -4.31 43.26
C SER A 764 -5.76 -2.99 42.74
N LYS A 765 -4.46 -2.74 42.93
CA LYS A 765 -3.84 -1.48 42.54
C LYS A 765 -3.32 -1.52 41.10
N ALA A 766 -3.41 -2.67 40.45
CA ALA A 766 -2.97 -2.82 39.05
C ALA A 766 -4.17 -3.18 38.19
N GLU A 767 -4.42 -2.42 37.13
CA GLU A 767 -5.57 -2.70 36.28
C GLU A 767 -5.20 -2.41 34.85
N ILE A 768 -5.90 -3.07 33.91
CA ILE A 768 -5.78 -2.67 32.49
C ILE A 768 -6.78 -1.53 32.24
N VAL A 769 -6.30 -0.41 31.72
CA VAL A 769 -7.16 0.73 31.41
C VAL A 769 -6.98 1.15 29.95
N LYS A 770 -7.97 1.87 29.43
CA LYS A 770 -7.86 2.39 28.06
C LYS A 770 -7.33 3.79 27.99
N SER A 771 -6.39 4.05 27.07
CA SER A 771 -5.95 5.41 26.83
C SER A 771 -7.08 6.20 26.18
N GLN A 772 -6.85 7.49 25.91
CA GLN A 772 -7.82 8.33 25.20
C GLN A 772 -8.03 7.83 23.76
N GLY A 773 -7.10 7.00 23.29
CA GLY A 773 -7.21 6.36 21.95
C GLY A 773 -7.72 4.94 21.99
N ALA A 774 -8.22 4.53 23.16
CA ALA A 774 -8.70 3.17 23.37
C ALA A 774 -7.59 2.11 23.36
N ASN A 775 -6.35 2.54 23.60
CA ASN A 775 -5.23 1.59 23.64
C ASN A 775 -5.11 1.06 25.08
N ASP A 776 -5.18 -0.26 25.25
CA ASP A 776 -5.16 -0.88 26.58
C ASP A 776 -3.75 -0.78 27.16
N MET A 777 -3.64 -0.40 28.44
CA MET A 777 -2.34 -0.19 29.09
C MET A 777 -2.46 -0.73 30.50
N LEU A 778 -1.31 -1.05 31.11
CA LEU A 778 -1.29 -1.42 32.53
C LEU A 778 -1.20 -0.13 33.35
N ARG A 779 -2.12 0.06 34.31
CA ARG A 779 -2.02 1.20 35.20
C ARG A 779 -1.79 0.73 36.64
N ILE A 780 -0.85 1.37 37.33
CA ILE A 780 -0.67 1.15 38.81
C ILE A 780 -0.84 2.50 39.46
N GLN A 781 -1.77 2.60 40.44
CA GLN A 781 -1.95 3.87 41.15
C GLN A 781 -2.48 3.60 42.54
N GLY A 782 -2.31 4.58 43.41
CA GLY A 782 -3.01 4.61 44.71
C GLY A 782 -2.50 3.56 45.68
N ASN A 783 -1.27 3.10 45.48
CA ASN A 783 -0.68 2.02 46.27
C ASN A 783 0.21 2.59 47.37
N LYS A 784 0.03 2.09 48.59
CA LYS A 784 0.84 2.52 49.73
C LYS A 784 2.05 1.66 49.96
N GLU A 785 2.12 0.48 49.31
CA GLU A 785 3.33 -0.38 49.27
C GLU A 785 3.64 -0.73 47.83
N LYS A 786 4.86 -1.18 47.58
CA LYS A 786 5.28 -1.57 46.24
C LYS A 786 4.32 -2.58 45.63
N VAL A 787 4.06 -2.42 44.33
CA VAL A 787 3.25 -3.40 43.57
C VAL A 787 4.15 -3.81 42.42
N SER A 788 4.26 -5.11 42.15
CA SER A 788 5.15 -5.62 41.07
C SER A 788 4.37 -6.65 40.28
N LEU A 789 4.70 -6.78 38.99
CA LEU A 789 4.09 -7.79 38.15
C LEU A 789 5.23 -8.48 37.43
N THR A 790 5.24 -9.80 37.48
CA THR A 790 6.38 -10.55 36.93
C THR A 790 5.93 -11.65 35.94
N GLN A 791 6.67 -11.78 34.85
CA GLN A 791 6.53 -12.96 34.00
C GLN A 791 7.92 -13.55 33.72
N LYS A 792 7.98 -14.84 33.43
CA LYS A 792 9.21 -15.37 32.80
C LYS A 792 9.34 -14.85 31.38
N LEU A 793 10.58 -14.56 30.99
CA LEU A 793 10.91 -14.33 29.59
C LEU A 793 11.23 -15.70 29.03
N THR A 794 10.43 -16.14 28.07
CA THR A 794 10.51 -17.52 27.55
C THR A 794 11.20 -17.55 26.19
N GLY A 795 11.72 -18.72 25.82
CA GLY A 795 12.25 -18.92 24.46
C GLY A 795 13.49 -18.08 24.17
N LEU A 796 14.23 -17.68 25.21
CA LEU A 796 15.49 -16.96 24.97
C LEU A 796 16.61 -17.89 24.59
N LYS A 797 17.64 -17.35 23.94
CA LYS A 797 18.85 -18.10 23.62
C LYS A 797 19.83 -17.95 24.77
N PRO A 798 20.50 -19.06 25.16
CA PRO A 798 21.58 -18.96 26.13
C PRO A 798 22.76 -18.13 25.62
N ASN A 799 23.51 -17.54 26.56
CA ASN A 799 24.74 -16.80 26.29
C ASN A 799 24.53 -15.75 25.20
N THR A 800 23.47 -14.96 25.35
CA THR A 800 23.09 -14.01 24.30
C THR A 800 22.78 -12.62 24.92
N LYS A 801 23.21 -11.56 24.23
CA LYS A 801 23.01 -10.20 24.68
C LYS A 801 21.62 -9.71 24.21
N TYR A 802 20.86 -9.16 25.15
CA TYR A 802 19.51 -8.69 24.89
C TYR A 802 19.27 -7.28 25.37
N ALA A 803 18.24 -6.66 24.77
CA ALA A 803 17.64 -5.42 25.29
C ALA A 803 16.20 -5.75 25.61
N VAL A 804 15.65 -5.13 26.66
CA VAL A 804 14.20 -5.12 26.82
C VAL A 804 13.78 -3.69 27.14
N TYR A 805 12.67 -3.25 26.57
CA TYR A 805 12.05 -2.01 27.04
C TYR A 805 10.61 -2.21 27.37
N VAL A 806 10.08 -1.28 28.15
CA VAL A 806 8.65 -1.12 28.33
C VAL A 806 8.36 0.35 28.03
N GLY A 807 7.28 0.64 27.31
CA GLY A 807 6.82 2.03 27.21
C GLY A 807 6.30 2.44 28.58
N VAL A 808 6.76 3.59 29.09
CA VAL A 808 6.24 4.04 30.39
C VAL A 808 5.90 5.53 30.36
N ASP A 809 4.77 5.86 30.96
CA ASP A 809 4.34 7.23 31.16
C ASP A 809 4.00 7.33 32.66
N ASN A 810 4.90 7.97 33.44
CA ASN A 810 4.76 8.00 34.87
C ASN A 810 4.27 9.40 35.31
N ARG A 811 3.03 9.45 35.83
CA ARG A 811 2.47 10.71 36.37
C ARG A 811 2.75 10.88 37.86
N SER A 812 3.37 9.88 38.45
CA SER A 812 3.74 9.90 39.88
C SER A 812 5.22 10.22 40.03
N ASN A 813 5.58 10.81 41.17
CA ASN A 813 7.00 10.92 41.55
C ASN A 813 7.58 9.59 41.98
N ALA A 814 6.72 8.61 42.27
CA ALA A 814 7.18 7.29 42.72
C ALA A 814 8.04 6.58 41.67
N LYS A 815 8.98 5.76 42.12
CA LYS A 815 9.85 5.01 41.23
CA LYS A 815 9.85 4.99 41.22
C LYS A 815 9.03 3.94 40.49
N ALA A 816 9.11 3.95 39.15
CA ALA A 816 8.44 2.93 38.32
C ALA A 816 9.60 2.25 37.62
N SER A 817 9.67 0.90 37.71
CA SER A 817 10.87 0.20 37.32
C SER A 817 10.61 -0.95 36.36
N ILE A 818 11.63 -1.28 35.60
CA ILE A 818 11.75 -2.53 34.85
C ILE A 818 12.98 -3.26 35.32
N THR A 819 12.80 -4.52 35.70
CA THR A 819 13.87 -5.31 36.29
C THR A 819 13.96 -6.66 35.60
N VAL A 820 15.15 -7.06 35.20
CA VAL A 820 15.37 -8.40 34.62
C VAL A 820 16.30 -9.18 35.54
N ASN A 821 15.90 -10.42 35.86
CA ASN A 821 16.78 -11.29 36.64
C ASN A 821 17.04 -12.51 35.77
N THR A 822 18.30 -12.74 35.44
CA THR A 822 18.61 -13.79 34.46
C THR A 822 18.78 -15.14 35.13
N GLY A 823 18.72 -15.15 36.46
CA GLY A 823 19.04 -16.36 37.22
C GLY A 823 20.41 -16.20 37.84
N GLU A 824 21.25 -15.36 37.26
CA GLU A 824 22.65 -15.20 37.71
CA GLU A 824 22.65 -15.21 37.71
C GLU A 824 22.99 -13.74 38.00
N LYS A 825 22.11 -12.83 37.59
CA LYS A 825 22.38 -11.42 37.72
C LYS A 825 21.05 -10.69 37.64
N GLU A 826 20.96 -9.54 38.30
CA GLU A 826 19.76 -8.73 38.18
C GLU A 826 20.12 -7.32 37.74
N VAL A 827 19.34 -6.77 36.80
CA VAL A 827 19.54 -5.38 36.38
C VAL A 827 18.22 -4.63 36.47
N THR A 828 18.30 -3.34 36.76
CA THR A 828 17.08 -2.57 36.90
C THR A 828 17.25 -1.16 36.38
N THR A 829 16.15 -0.61 35.89
CA THR A 829 16.12 0.76 35.40
C THR A 829 14.82 1.36 35.90
N TYR A 830 14.83 2.65 36.21
CA TYR A 830 13.63 3.26 36.71
C TYR A 830 13.41 4.68 36.21
N THR A 831 12.17 5.13 36.33
CA THR A 831 11.83 6.53 36.13
C THR A 831 11.03 7.06 37.32
N ASN A 832 11.30 8.30 37.70
CA ASN A 832 10.36 9.03 38.53
C ASN A 832 9.38 9.71 37.60
N LYS A 833 8.90 10.91 37.92
CA LYS A 833 7.83 11.47 37.06
C LYS A 833 8.40 11.72 35.66
N SER A 834 7.64 11.33 34.64
CA SER A 834 8.07 11.52 33.26
C SER A 834 8.09 13.01 32.95
N LEU A 835 9.09 13.42 32.19
CA LEU A 835 9.26 14.83 31.87
C LEU A 835 9.35 15.15 30.38
N ALA A 836 9.25 14.14 29.51
CA ALA A 836 9.31 14.41 28.06
C ALA A 836 8.11 13.87 27.32
N LEU A 837 7.36 14.78 26.70
CA LEU A 837 6.21 14.39 25.89
C LEU A 837 6.69 13.59 24.68
N ASN A 838 5.80 12.74 24.16
CA ASN A 838 6.22 11.88 23.03
C ASN A 838 5.79 12.50 21.71
N TYR A 839 6.77 12.74 20.83
CA TYR A 839 6.53 13.45 19.57
C TYR A 839 6.68 12.57 18.31
N VAL A 840 6.62 11.26 18.48
CA VAL A 840 6.81 10.33 17.35
C VAL A 840 5.46 10.01 16.69
N LYS A 841 5.22 10.58 15.51
CA LYS A 841 3.90 10.55 14.90
C LYS A 841 3.42 9.13 14.55
N ALA A 842 4.33 8.26 14.12
CA ALA A 842 3.93 6.89 13.77
C ALA A 842 3.84 5.97 14.98
N TYR A 843 4.13 6.50 16.18
CA TYR A 843 4.10 5.72 17.40
C TYR A 843 2.73 5.85 18.08
N ALA A 844 2.19 4.77 18.59
CA ALA A 844 0.76 4.81 18.99
C ALA A 844 0.53 5.67 20.22
N HIS A 845 1.56 5.84 21.04
CA HIS A 845 1.39 6.65 22.27
C HIS A 845 2.09 8.02 22.18
N ASN A 846 2.02 8.68 21.01
CA ASN A 846 2.48 10.08 20.96
C ASN A 846 1.48 10.96 21.70
N THR A 847 1.83 12.23 21.87
CA THR A 847 1.06 13.14 22.72
C THR A 847 -0.13 13.83 22.00
N ARG A 848 -0.46 13.43 20.78
CA ARG A 848 -1.72 13.92 20.17
C ARG A 848 -2.90 13.56 21.04
N ARG A 849 -3.79 14.54 21.23
CA ARG A 849 -4.90 14.40 22.19
C ARG A 849 -5.66 13.09 21.99
N ASN A 850 -5.95 12.72 20.75
CA ASN A 850 -6.82 11.57 20.57
C ASN A 850 -6.17 10.21 20.76
N ASN A 851 -4.86 10.20 21.04
CA ASN A 851 -4.22 8.97 21.54
C ASN A 851 -3.34 9.24 22.75
N ALA A 852 -3.67 10.32 23.46
CA ALA A 852 -3.06 10.66 24.74
C ALA A 852 -3.31 9.58 25.79
N THR A 853 -2.44 9.55 26.79
CA THR A 853 -2.50 8.58 27.85
C THR A 853 -3.66 8.97 28.77
N VAL A 854 -3.59 10.21 29.24
CA VAL A 854 -4.58 10.76 30.19
C VAL A 854 -4.35 12.27 30.26
N ASP A 855 -5.39 13.04 30.57
CA ASP A 855 -5.29 14.51 30.67
C ASP A 855 -4.74 15.12 29.38
N ASP A 856 -5.10 14.49 28.26
CA ASP A 856 -4.77 14.97 26.90
C ASP A 856 -3.28 14.95 26.53
N THR A 857 -2.44 14.31 27.33
CA THR A 857 -1.01 14.27 27.01
C THR A 857 -0.50 12.83 27.06
N SER A 858 0.68 12.65 26.47
CA SER A 858 1.42 11.39 26.62
C SER A 858 2.87 11.67 26.82
N TYR A 859 3.42 11.10 27.89
CA TYR A 859 4.84 11.14 28.14
C TYR A 859 5.47 9.78 27.93
N PHE A 860 4.80 8.90 27.19
CA PHE A 860 5.39 7.55 26.97
C PHE A 860 6.78 7.65 26.34
N GLN A 861 7.74 6.90 26.90
CA GLN A 861 9.07 6.79 26.33
C GLN A 861 9.53 5.39 26.73
N ASN A 862 10.36 4.80 25.88
CA ASN A 862 10.81 3.42 26.13
C ASN A 862 11.86 3.40 27.24
N MET A 863 11.62 2.52 28.23
CA MET A 863 12.49 2.41 29.37
C MET A 863 13.17 1.04 29.30
N TYR A 864 14.49 1.09 29.19
CA TYR A 864 15.30 -0.10 28.85
C TYR A 864 16.05 -0.71 30.01
N ALA A 865 16.25 -2.03 29.91
CA ALA A 865 17.30 -2.74 30.65
C ALA A 865 18.06 -3.59 29.64
N PHE A 866 19.38 -3.67 29.82
CA PHE A 866 20.22 -4.46 28.92
C PHE A 866 20.84 -5.57 29.74
N PHE A 867 20.74 -6.80 29.23
CA PHE A 867 21.17 -7.96 29.97
C PHE A 867 21.75 -9.02 29.06
N THR A 868 22.34 -10.05 29.67
CA THR A 868 22.95 -11.16 28.92
C THR A 868 22.49 -12.46 29.58
N THR A 869 21.95 -13.38 28.77
CA THR A 869 21.57 -14.67 29.35
C THR A 869 22.82 -15.48 29.66
N GLY A 870 22.70 -16.33 30.69
CA GLY A 870 23.74 -17.31 30.97
C GLY A 870 23.49 -18.61 30.24
N ALA A 871 23.94 -19.70 30.85
CA ALA A 871 23.87 -21.03 30.20
C ALA A 871 22.48 -21.59 30.30
N ASP A 872 21.72 -21.16 31.31
CA ASP A 872 20.38 -21.70 31.58
C ASP A 872 19.36 -20.58 31.44
N VAL A 873 18.35 -20.75 30.57
CA VAL A 873 17.38 -19.68 30.34
C VAL A 873 15.98 -20.08 30.81
N SER A 874 15.92 -21.04 31.74
CA SER A 874 14.63 -21.55 32.25
C SER A 874 14.02 -20.66 33.34
N ASN A 875 14.80 -19.73 33.86
CA ASN A 875 14.31 -18.87 34.94
C ASN A 875 14.78 -17.41 34.82
N VAL A 876 14.47 -16.82 33.68
CA VAL A 876 14.76 -15.42 33.44
C VAL A 876 13.44 -14.72 33.63
N THR A 877 13.43 -13.70 34.49
CA THR A 877 12.18 -13.00 34.79
C THR A 877 12.23 -11.53 34.43
N LEU A 878 11.06 -11.00 34.11
CA LEU A 878 10.86 -9.59 33.86
C LEU A 878 9.84 -9.06 34.82
N THR A 879 10.20 -8.01 35.55
CA THR A 879 9.29 -7.45 36.55
C THR A 879 9.07 -5.96 36.30
N LEU A 880 7.81 -5.55 36.25
CA LEU A 880 7.43 -4.13 36.24
C LEU A 880 6.96 -3.81 37.66
N SER A 881 7.49 -2.72 38.22
CA SER A 881 7.10 -2.39 39.58
CA SER A 881 7.22 -2.37 39.63
C SER A 881 6.84 -0.90 39.78
N ARG A 882 6.10 -0.59 40.84
CA ARG A 882 5.85 0.79 41.16
C ARG A 882 5.87 0.91 42.68
N GLU A 883 6.74 1.78 43.18
CA GLU A 883 6.79 2.06 44.62
CA GLU A 883 6.80 2.09 44.61
C GLU A 883 5.56 2.87 45.03
N ALA A 884 5.42 3.14 46.33
CA ALA A 884 4.20 3.79 46.83
C ALA A 884 3.97 5.15 46.18
N GLY A 885 2.72 5.42 45.78
CA GLY A 885 2.36 6.77 45.29
C GLY A 885 0.87 6.90 45.02
N ASP A 886 0.34 8.11 45.06
CA ASP A 886 -1.07 8.32 44.80
C ASP A 886 -1.33 8.30 43.29
N GLU A 887 -0.48 8.99 42.53
CA GLU A 887 -0.75 9.16 41.08
C GLU A 887 -0.42 7.89 40.30
N ALA A 888 -0.78 7.89 39.00
CA ALA A 888 -0.69 6.66 38.20
C ALA A 888 0.60 6.54 37.40
N THR A 889 1.07 5.31 37.22
CA THR A 889 2.06 5.03 36.20
C THR A 889 1.36 4.17 35.16
N TYR A 890 1.60 4.44 33.88
CA TYR A 890 1.06 3.64 32.78
C TYR A 890 2.20 2.92 32.09
N PHE A 891 2.00 1.63 31.82
CA PHE A 891 3.01 0.80 31.11
C PHE A 891 2.33 0.18 29.89
N ASP A 892 3.07 0.04 28.80
CA ASP A 892 2.51 -0.68 27.66
C ASP A 892 3.67 -1.04 26.77
N GLU A 893 3.56 -2.20 26.11
CA GLU A 893 4.54 -2.65 25.12
CA GLU A 893 4.54 -2.66 25.12
C GLU A 893 5.89 -3.09 25.74
N ILE A 894 5.99 -4.36 26.06
CA ILE A 894 7.23 -4.90 26.60
C ILE A 894 7.94 -5.67 25.46
N ARG A 895 9.04 -5.13 24.95
CA ARG A 895 9.74 -5.73 23.83
C ARG A 895 11.12 -6.21 24.25
N THR A 896 11.38 -7.51 24.04
CA THR A 896 12.64 -8.15 24.42
C THR A 896 13.26 -8.65 23.12
N PHE A 897 14.49 -8.24 22.86
CA PHE A 897 15.08 -8.48 21.55
C PHE A 897 16.59 -8.46 21.60
N GLU A 898 17.21 -9.21 20.71
CA GLU A 898 18.68 -9.27 20.70
C GLU A 898 19.28 -7.91 20.42
N ASN A 899 20.37 -7.61 21.12
CA ASN A 899 21.00 -6.32 21.00
C ASN A 899 22.44 -6.42 21.47
N ASN A 900 23.34 -5.83 20.68
CA ASN A 900 24.78 -5.96 20.97
CA ASN A 900 24.77 -5.96 20.90
C ASN A 900 25.47 -4.68 21.36
N SER A 901 24.73 -3.77 22.00
CA SER A 901 25.35 -2.51 22.46
C SER A 901 26.35 -2.75 23.60
N SER A 902 27.29 -1.80 23.75
CA SER A 902 28.31 -1.89 24.82
CA SER A 902 28.30 -1.89 24.82
C SER A 902 28.43 -0.53 25.51
N MET A 903 27.32 -0.08 26.08
CA MET A 903 27.21 1.31 26.52
C MET A 903 27.76 1.60 27.92
N TYR A 904 28.02 0.56 28.73
CA TYR A 904 28.31 0.76 30.15
C TYR A 904 29.70 0.27 30.48
N GLY A 905 30.65 1.20 30.51
CA GLY A 905 32.05 0.82 30.81
C GLY A 905 32.52 -0.24 29.83
N ASP A 906 32.12 -0.05 28.57
CA ASP A 906 32.44 -0.93 27.45
C ASP A 906 31.84 -2.33 27.56
N LYS A 907 30.82 -2.47 28.40
CA LYS A 907 30.13 -3.75 28.54
C LYS A 907 28.68 -3.58 28.14
N HIS A 908 28.02 -4.71 27.84
CA HIS A 908 26.61 -4.66 27.40
C HIS A 908 25.63 -4.33 28.51
N ASP A 909 25.74 -4.98 29.67
CA ASP A 909 24.65 -4.93 30.66
C ASP A 909 24.49 -3.57 31.31
N THR A 910 23.25 -3.19 31.58
CA THR A 910 22.93 -2.06 32.47
C THR A 910 23.84 -2.15 33.70
N GLY A 911 24.64 -1.10 33.92
CA GLY A 911 25.56 -1.10 35.05
C GLY A 911 26.30 0.21 35.17
N LYS A 912 27.27 0.22 36.08
CA LYS A 912 28.04 1.42 36.39
C LYS A 912 29.12 1.57 35.33
N GLY A 913 29.81 2.68 35.32
CA GLY A 913 30.94 2.72 34.39
C GLY A 913 30.58 3.67 33.29
N THR A 914 31.58 4.12 32.55
CA THR A 914 31.43 5.27 31.68
C THR A 914 30.40 4.96 30.59
N PHE A 915 29.50 5.91 30.38
CA PHE A 915 28.47 5.75 29.34
C PHE A 915 29.03 6.12 27.98
N LYS A 916 28.85 5.27 26.96
CA LYS A 916 29.32 5.62 25.63
C LYS A 916 28.26 5.17 24.61
N GLN A 917 28.00 6.02 23.63
CA GLN A 917 27.08 5.70 22.53
C GLN A 917 27.79 6.06 21.23
N ASP A 918 28.24 5.02 20.50
CA ASP A 918 28.80 5.19 19.18
C ASP A 918 27.74 5.02 18.09
N PHE A 919 26.48 4.82 18.52
CA PHE A 919 25.30 4.62 17.63
C PHE A 919 25.38 3.38 16.73
N GLU A 920 26.35 2.49 17.02
CA GLU A 920 26.58 1.36 16.13
C GLU A 920 25.66 0.16 16.40
N ASN A 921 25.05 0.13 17.58
CA ASN A 921 24.23 -1.01 18.01
C ASN A 921 22.97 -0.54 18.75
N VAL A 922 22.28 0.46 18.18
CA VAL A 922 21.10 1.01 18.81
C VAL A 922 19.92 0.07 18.64
N ALA A 923 19.25 -0.22 19.76
CA ALA A 923 18.06 -1.08 19.74
C ALA A 923 16.94 -0.42 18.92
N GLN A 924 16.56 0.80 19.28
CA GLN A 924 15.71 1.63 18.42
C GLN A 924 15.79 3.07 18.85
N GLY A 925 15.33 3.96 17.97
CA GLY A 925 15.29 5.37 18.30
C GLY A 925 16.67 5.99 18.36
N ILE A 926 16.83 6.97 19.24
CA ILE A 926 18.06 7.76 19.24
C ILE A 926 18.64 7.80 20.67
N PHE A 927 18.40 6.72 21.43
CA PHE A 927 18.84 6.55 22.83
C PHE A 927 20.31 6.98 22.99
N PRO A 928 20.67 7.71 24.08
CA PRO A 928 19.85 7.99 25.25
C PRO A 928 18.90 9.19 25.10
N PHE A 929 18.95 9.84 23.94
CA PHE A 929 18.03 10.92 23.65
C PHE A 929 16.67 10.38 23.27
N VAL A 930 15.68 11.25 23.33
CA VAL A 930 14.39 11.00 22.70
C VAL A 930 14.07 12.25 21.88
N VAL A 931 13.36 12.08 20.76
CA VAL A 931 13.03 13.26 19.95
C VAL A 931 12.22 14.28 20.76
N GLY A 932 12.56 15.56 20.58
CA GLY A 932 11.85 16.66 21.23
C GLY A 932 10.76 17.24 20.35
N GLY A 933 10.28 18.41 20.75
CA GLY A 933 9.05 19.00 20.18
C GLY A 933 9.26 19.98 19.04
N VAL A 934 10.50 20.07 18.55
CA VAL A 934 10.86 21.02 17.47
C VAL A 934 9.87 21.04 16.30
N GLU A 935 9.39 19.86 15.87
CA GLU A 935 8.40 19.74 14.79
C GLU A 935 7.01 19.35 15.27
N GLY A 936 6.80 19.44 16.59
CA GLY A 936 5.58 18.89 17.18
C GLY A 936 5.56 17.38 16.94
N VAL A 937 4.37 16.79 16.99
CA VAL A 937 4.20 15.35 16.70
C VAL A 937 4.38 15.17 15.21
N GLU A 938 5.46 14.48 14.82
CA GLU A 938 5.90 14.47 13.42
C GLU A 938 6.61 13.18 13.10
N ASP A 939 6.69 12.85 11.80
CA ASP A 939 7.71 11.87 11.36
C ASP A 939 9.04 12.60 11.46
N ASN A 940 9.68 12.45 12.63
CA ASN A 940 10.68 13.40 13.08
C ASN A 940 11.87 13.38 12.13
N ARG A 941 12.36 14.56 11.78
CA ARG A 941 13.51 14.66 10.85
C ARG A 941 14.89 14.49 11.51
N THR A 942 14.94 13.62 12.52
CA THR A 942 16.16 13.19 13.20
C THR A 942 16.13 11.66 13.18
N HIS A 943 17.23 11.02 12.77
CA HIS A 943 17.25 9.55 12.70
C HIS A 943 18.68 9.05 12.72
N LEU A 944 18.89 7.74 12.66
CA LEU A 944 20.25 7.25 12.58
C LEU A 944 20.70 7.19 11.12
N SER A 945 21.73 7.95 10.80
CA SER A 945 22.28 8.00 9.44
C SER A 945 23.21 6.82 9.21
N GLU A 946 23.15 6.27 7.98
CA GLU A 946 23.91 5.09 7.65
C GLU A 946 25.01 5.45 6.63
N LYS A 947 26.20 4.91 6.83
CA LYS A 947 27.32 5.28 5.95
C LYS A 947 27.28 4.59 4.59
N HIS A 948 27.55 5.34 3.53
CA HIS A 948 27.84 4.74 2.22
C HIS A 948 28.86 5.62 1.53
N ASP A 949 30.13 5.28 1.73
CA ASP A 949 31.26 5.99 1.09
CA ASP A 949 31.19 6.06 1.11
C ASP A 949 31.15 5.84 -0.42
N PRO A 950 31.32 6.91 -1.21
CA PRO A 950 31.62 8.28 -0.79
C PRO A 950 30.37 9.15 -0.69
N TYR A 951 29.22 8.60 -1.07
CA TYR A 951 27.99 9.41 -1.35
C TYR A 951 27.43 10.14 -0.12
N THR A 952 27.56 9.52 1.05
CA THR A 952 27.04 10.12 2.27
C THR A 952 28.04 11.07 2.94
N GLN A 953 29.25 11.15 2.38
CA GLN A 953 30.36 11.78 3.10
C GLN A 953 30.82 13.06 2.42
N ARG A 954 31.55 13.89 3.17
CA ARG A 954 32.06 15.13 2.62
C ARG A 954 32.62 14.98 1.22
N GLY A 955 32.26 15.90 0.35
CA GLY A 955 32.92 15.98 -0.94
C GLY A 955 32.05 15.46 -2.08
N TRP A 956 31.16 14.49 -1.81
CA TRP A 956 30.35 13.93 -2.92
C TRP A 956 29.26 14.91 -3.30
N ASN A 957 29.17 15.32 -4.58
CA ASN A 957 28.22 16.37 -4.98
C ASN A 957 28.33 17.59 -4.05
N GLY A 958 29.57 17.92 -3.66
CA GLY A 958 29.82 19.15 -2.90
C GLY A 958 29.37 19.08 -1.44
N LYS A 959 29.08 17.87 -0.94
CA LYS A 959 28.58 17.73 0.44
C LYS A 959 29.58 18.32 1.44
N LYS A 960 29.07 19.14 2.37
CA LYS A 960 29.96 19.90 3.28
C LYS A 960 30.33 19.14 4.52
N VAL A 961 29.41 18.24 4.93
CA VAL A 961 29.57 17.48 6.19
C VAL A 961 29.29 15.99 5.96
N ASP A 962 29.84 15.15 6.81
CA ASP A 962 29.64 13.70 6.71
C ASP A 962 28.29 13.37 7.32
N ASP A 963 27.51 12.51 6.68
CA ASP A 963 26.36 11.92 7.36
C ASP A 963 26.82 11.06 8.52
N VAL A 964 27.96 10.38 8.34
CA VAL A 964 28.43 9.50 9.41
C VAL A 964 29.86 9.86 9.82
N ILE A 965 30.06 10.14 11.11
CA ILE A 965 31.32 10.61 11.66
C ILE A 965 32.31 9.46 11.84
N GLU A 966 31.84 8.37 12.46
CA GLU A 966 32.68 7.19 12.64
C GLU A 966 31.86 5.93 12.64
N GLY A 967 32.46 4.83 12.20
CA GLY A 967 31.73 3.56 12.07
C GLY A 967 30.72 3.64 10.92
N ASN A 968 29.59 2.96 11.06
CA ASN A 968 28.55 2.96 10.06
C ASN A 968 27.35 3.84 10.38
N TRP A 969 27.29 4.38 11.59
CA TRP A 969 26.08 5.08 12.02
C TRP A 969 26.38 6.33 12.81
N SER A 970 25.58 7.37 12.58
CA SER A 970 25.62 8.55 13.48
C SER A 970 24.19 8.99 13.75
N LEU A 971 24.04 10.07 14.53
CA LEU A 971 22.75 10.63 14.83
C LEU A 971 22.58 11.92 13.99
N LYS A 972 21.67 11.88 13.01
CA LYS A 972 21.55 12.97 12.04
C LYS A 972 20.23 13.73 12.18
N THR A 973 20.32 15.05 12.08
CA THR A 973 19.15 15.94 11.99
C THR A 973 19.20 16.68 10.65
N ASN A 974 18.11 16.59 9.89
CA ASN A 974 18.07 17.10 8.52
C ASN A 974 17.30 18.42 8.42
N GLY A 975 18.04 19.52 8.31
CA GLY A 975 17.48 20.83 7.95
C GLY A 975 16.62 21.53 9.00
N LEU A 976 16.70 21.13 10.28
CA LEU A 976 15.86 21.70 11.31
C LEU A 976 16.49 22.96 11.95
N VAL A 977 16.79 23.94 11.08
CA VAL A 977 17.41 25.19 11.49
C VAL A 977 16.35 26.25 11.78
N SER A 978 16.69 27.18 12.66
CA SER A 978 15.90 28.41 12.88
C SER A 978 14.54 28.15 13.50
N ARG A 979 14.45 27.10 14.29
CA ARG A 979 13.18 26.69 14.87
CA ARG A 979 13.17 26.70 14.86
C ARG A 979 12.95 27.16 16.30
N ARG A 980 14.00 27.63 16.99
CA ARG A 980 13.85 28.04 18.42
C ARG A 980 13.14 26.95 19.23
N ASN A 981 13.67 25.74 19.21
CA ASN A 981 13.00 24.66 19.90
C ASN A 981 13.93 23.45 20.08
N LEU A 982 13.54 22.54 20.95
CA LEU A 982 14.39 21.43 21.34
C LEU A 982 14.29 20.30 20.31
N VAL A 983 15.43 19.88 19.78
CA VAL A 983 15.48 18.85 18.71
C VAL A 983 15.40 17.46 19.34
N TYR A 984 16.14 17.29 20.42
CA TYR A 984 16.09 16.07 21.22
C TYR A 984 16.77 16.26 22.57
N GLN A 985 16.46 15.37 23.52
CA GLN A 985 17.01 15.46 24.88
C GLN A 985 17.17 14.07 25.50
N THR A 986 18.12 13.94 26.42
CA THR A 986 18.11 12.79 27.32
C THR A 986 16.91 12.90 28.26
N ILE A 987 16.54 11.78 28.87
CA ILE A 987 15.55 11.75 29.94
C ILE A 987 16.15 10.87 31.03
N PRO A 988 15.76 11.09 32.29
CA PRO A 988 16.46 10.35 33.36
C PRO A 988 16.40 8.81 33.25
N GLN A 989 15.29 8.25 32.76
CA GLN A 989 15.22 6.78 32.59
C GLN A 989 16.28 6.27 31.61
N ASN A 990 16.75 7.14 30.71
CA ASN A 990 17.73 6.74 29.72
C ASN A 990 19.12 7.08 30.18
N PHE A 991 19.27 8.25 30.80
CA PHE A 991 20.53 8.57 31.43
C PHE A 991 20.25 9.55 32.54
N ARG A 992 20.56 9.15 33.79
CA ARG A 992 20.30 10.00 34.95
C ARG A 992 21.55 10.73 35.41
N PHE A 993 21.48 12.06 35.47
CA PHE A 993 22.57 12.86 36.01
C PHE A 993 22.22 12.93 37.50
N GLU A 994 22.87 12.10 38.30
CA GLU A 994 22.50 11.95 39.71
CA GLU A 994 22.50 11.96 39.71
C GLU A 994 22.71 13.28 40.45
N ALA A 995 21.79 13.58 41.36
CA ALA A 995 21.81 14.78 42.20
C ALA A 995 23.17 15.04 42.82
N GLY A 996 23.73 16.22 42.56
CA GLY A 996 25.02 16.61 43.13
C GLY A 996 26.25 16.00 42.50
N LYS A 997 26.08 15.12 41.52
CA LYS A 997 27.22 14.52 40.87
C LYS A 997 27.57 15.26 39.57
N THR A 998 28.85 15.28 39.23
CA THR A 998 29.30 16.04 38.07
C THR A 998 29.81 15.11 36.96
N TYR A 999 29.45 15.43 35.72
CA TYR A 999 29.76 14.57 34.56
C TYR A 999 30.41 15.36 33.46
N ARG A 1000 31.34 14.74 32.77
CA ARG A 1000 31.86 15.31 31.55
C ARG A 1000 31.10 14.66 30.39
N VAL A 1001 30.46 15.51 29.58
CA VAL A 1001 29.70 15.06 28.40
C VAL A 1001 30.52 15.45 27.19
N THR A 1002 30.91 14.47 26.36
CA THR A 1002 31.72 14.74 25.16
CA THR A 1002 31.74 14.71 25.21
C THR A 1002 31.04 14.08 23.98
N PHE A 1003 31.17 14.70 22.81
CA PHE A 1003 30.70 14.07 21.57
C PHE A 1003 31.46 14.69 20.41
N GLU A 1004 31.41 14.03 19.27
CA GLU A 1004 31.88 14.65 18.05
C GLU A 1004 30.65 15.08 17.25
N TYR A 1005 30.79 16.15 16.46
CA TYR A 1005 29.63 16.63 15.71
C TYR A 1005 30.01 17.23 14.37
N GLU A 1006 29.06 17.18 13.43
CA GLU A 1006 29.14 18.01 12.23
C GLU A 1006 28.03 19.02 12.33
N ALA A 1007 28.30 20.25 11.84
CA ALA A 1007 27.25 21.26 11.72
C ALA A 1007 27.53 22.04 10.46
N GLY A 1008 26.50 22.20 9.63
CA GLY A 1008 26.73 22.83 8.35
C GLY A 1008 26.81 24.36 8.39
N SER A 1009 26.34 24.96 9.47
CA SER A 1009 26.38 26.42 9.63
C SER A 1009 26.73 26.80 11.05
N ASP A 1010 27.22 28.02 11.24
CA ASP A 1010 27.52 28.52 12.60
C ASP A 1010 26.27 28.80 13.41
N ASN A 1011 26.24 28.28 14.64
CA ASN A 1011 25.25 28.68 15.63
C ASN A 1011 23.80 28.42 15.27
N THR A 1012 23.59 27.46 14.37
CA THR A 1012 22.23 27.01 14.06
C THR A 1012 21.71 26.01 15.08
N TYR A 1013 22.65 25.20 15.60
CA TYR A 1013 22.35 24.26 16.63
C TYR A 1013 23.17 24.55 17.89
N ALA A 1014 22.61 24.17 19.03
CA ALA A 1014 23.26 24.41 20.32
C ALA A 1014 23.16 23.18 21.22
N PHE A 1015 24.23 22.90 21.95
CA PHE A 1015 24.17 21.93 23.03
C PHE A 1015 23.50 22.62 24.20
N VAL A 1016 22.54 21.95 24.84
CA VAL A 1016 21.80 22.60 25.95
C VAL A 1016 21.75 21.69 27.18
N VAL A 1017 21.71 22.32 28.36
CA VAL A 1017 21.46 21.63 29.62
C VAL A 1017 20.17 22.19 30.22
N GLY A 1018 19.26 21.27 30.55
CA GLY A 1018 18.00 21.63 31.16
C GLY A 1018 17.69 20.77 32.38
N LYS A 1019 16.55 21.03 33.01
CA LYS A 1019 16.03 20.14 34.03
C LYS A 1019 14.52 20.22 34.03
N GLY A 1020 13.88 19.12 34.45
CA GLY A 1020 12.43 19.06 34.46
C GLY A 1020 11.81 19.08 33.07
N GLU A 1021 10.53 19.38 32.98
CA GLU A 1021 9.85 19.39 31.69
C GLU A 1021 10.18 20.65 30.88
N PHE A 1022 10.64 20.47 29.64
CA PHE A 1022 10.93 21.60 28.77
C PHE A 1022 9.67 22.34 28.32
N GLN A 1023 9.64 23.66 28.47
CA GLN A 1023 8.56 24.49 27.88
C GLN A 1023 9.19 25.46 26.87
N SER A 1024 8.71 25.46 25.64
CA SER A 1024 9.28 26.34 24.61
C SER A 1024 8.84 27.81 24.75
N GLN A 1030 5.64 30.73 29.38
CA GLN A 1030 6.75 30.57 30.31
C GLN A 1030 7.79 29.57 29.73
N ALA A 1031 8.82 30.11 29.07
CA ALA A 1031 9.89 29.32 28.42
C ALA A 1031 10.91 28.80 29.43
N SER A 1032 11.44 27.60 29.23
CA SER A 1032 12.35 27.03 30.21
C SER A 1032 13.72 27.68 30.17
N ASN A 1033 14.34 27.83 31.33
CA ASN A 1033 15.77 28.15 31.41
C ASN A 1033 16.57 27.03 30.75
N LEU A 1034 17.45 27.38 29.82
CA LEU A 1034 18.46 26.44 29.35
C LEU A 1034 19.85 27.05 29.45
N GLU A 1035 20.82 26.23 29.81
CA GLU A 1035 22.20 26.60 29.62
C GLU A 1035 22.50 26.32 28.15
N MET A 1036 22.92 27.36 27.43
CA MET A 1036 22.95 27.35 25.98
C MET A 1036 24.37 27.41 25.46
N HIS A 1037 24.77 26.46 24.61
CA HIS A 1037 26.09 26.49 24.00
C HIS A 1037 25.96 26.38 22.49
N GLU A 1038 25.88 27.51 21.80
CA GLU A 1038 25.84 27.49 20.32
C GLU A 1038 27.11 26.89 19.69
N LEU A 1039 26.94 26.07 18.65
CA LEU A 1039 28.04 25.34 18.09
C LEU A 1039 28.44 25.90 16.74
N PRO A 1040 29.75 26.06 16.48
CA PRO A 1040 30.18 26.59 15.18
C PRO A 1040 30.06 25.52 14.10
N ASN A 1041 30.01 25.93 12.84
CA ASN A 1041 30.11 24.96 11.75
C ASN A 1041 31.43 24.19 11.83
N THR A 1042 31.45 23.00 11.23
CA THR A 1042 32.59 22.11 11.38
C THR A 1042 33.41 21.91 10.11
N TRP A 1043 33.10 22.63 9.03
CA TRP A 1043 33.78 22.36 7.76
C TRP A 1043 34.58 23.53 7.17
N THR A 1044 34.25 24.77 7.52
CA THR A 1044 34.98 25.87 6.88
C THR A 1044 36.47 25.90 7.31
N ASP A 1045 36.75 25.42 8.52
CA ASP A 1045 38.11 25.47 9.07
C ASP A 1045 38.52 24.11 9.64
N SER A 1046 37.91 23.04 9.14
CA SER A 1046 38.22 21.71 9.65
C SER A 1046 37.88 20.66 8.59
N LYS A 1047 38.69 19.59 8.52
CA LYS A 1047 38.48 18.54 7.53
C LYS A 1047 37.58 17.43 8.06
N LYS A 1048 37.17 17.53 9.32
CA LYS A 1048 36.37 16.50 9.96
C LYS A 1048 35.57 17.09 11.11
N ALA A 1049 34.66 16.26 11.65
CA ALA A 1049 33.82 16.58 12.79
C ALA A 1049 34.65 17.20 13.93
N LYS A 1050 34.05 18.11 14.66
CA LYS A 1050 34.74 18.73 15.80
C LYS A 1050 34.31 18.03 17.07
N LYS A 1051 35.14 18.12 18.11
CA LYS A 1051 34.81 17.51 19.39
C LYS A 1051 34.35 18.59 20.36
N ALA A 1052 33.31 18.31 21.12
CA ALA A 1052 32.76 19.27 22.06
C ALA A 1052 32.75 18.60 23.45
N THR A 1053 32.98 19.39 24.50
CA THR A 1053 33.06 18.82 25.84
C THR A 1053 32.42 19.79 26.84
N PHE A 1054 31.61 19.25 27.75
CA PHE A 1054 30.83 20.09 28.66
C PHE A 1054 30.77 19.44 30.03
N LEU A 1055 30.84 20.26 31.09
CA LEU A 1055 30.63 19.75 32.45
C LEU A 1055 29.20 19.99 32.84
N VAL A 1056 28.57 18.97 33.43
CA VAL A 1056 27.17 19.05 33.83
C VAL A 1056 27.04 18.45 35.21
N THR A 1057 26.48 19.21 36.14
CA THR A 1057 26.20 18.70 37.50
C THR A 1057 24.72 18.40 37.64
N GLY A 1058 24.37 17.22 38.15
CA GLY A 1058 22.96 16.87 38.32
C GLY A 1058 22.28 17.74 39.34
N ALA A 1059 21.14 18.32 38.96
CA ALA A 1059 20.32 19.10 39.88
C ALA A 1059 19.78 18.19 41.00
N GLU A 1060 19.46 18.80 42.16
CA GLU A 1060 19.11 18.03 43.35
C GLU A 1060 17.77 17.31 43.15
N THR A 1061 16.96 17.85 42.24
CA THR A 1061 15.69 17.24 41.89
C THR A 1061 15.83 16.00 40.99
N GLY A 1062 17.06 15.66 40.56
CA GLY A 1062 17.33 14.40 39.84
C GLY A 1062 16.90 14.41 38.36
N ASP A 1063 16.40 15.56 37.90
CA ASP A 1063 15.74 15.68 36.58
C ASP A 1063 16.52 16.50 35.53
N THR A 1064 17.84 16.57 35.70
CA THR A 1064 18.73 17.22 34.73
C THR A 1064 18.77 16.39 33.43
N TRP A 1065 18.86 17.10 32.31
CA TRP A 1065 19.05 16.43 31.03
C TRP A 1065 19.88 17.30 30.13
N VAL A 1066 20.35 16.71 29.04
CA VAL A 1066 21.12 17.46 28.04
C VAL A 1066 20.51 17.18 26.66
N GLY A 1067 20.76 18.07 25.71
CA GLY A 1067 20.12 17.87 24.41
C GLY A 1067 20.68 18.80 23.36
N ILE A 1068 20.01 18.81 22.22
CA ILE A 1068 20.43 19.67 21.09
C ILE A 1068 19.20 20.51 20.74
N TYR A 1069 19.44 21.81 20.58
CA TYR A 1069 18.39 22.79 20.42
C TYR A 1069 18.61 23.51 19.10
N SER A 1070 17.52 23.80 18.39
CA SER A 1070 17.58 24.53 17.13
C SER A 1070 17.41 26.01 17.46
N THR A 1071 18.43 26.82 17.17
CA THR A 1071 18.42 28.22 17.62
C THR A 1071 17.50 29.07 16.74
N GLY A 1072 17.43 30.37 17.07
CA GLY A 1072 16.73 31.32 16.23
C GLY A 1072 17.54 31.85 15.09
N ASN A 1073 18.83 31.54 15.02
CA ASN A 1073 19.69 32.08 13.97
C ASN A 1073 19.38 31.52 12.60
N ALA A 1074 19.53 32.37 11.58
CA ALA A 1074 19.43 31.89 10.20
C ALA A 1074 20.64 31.05 9.87
N SER A 1075 20.42 29.98 9.09
CA SER A 1075 21.50 29.19 8.55
CA SER A 1075 21.52 29.19 8.55
C SER A 1075 22.12 29.89 7.33
N ASN A 1076 23.22 29.35 6.81
CA ASN A 1076 23.90 29.96 5.67
C ASN A 1076 24.11 28.93 4.59
N THR A 1077 23.35 29.02 3.49
CA THR A 1077 23.49 28.04 2.41
C THR A 1077 24.49 28.47 1.36
N ARG A 1078 25.22 29.55 1.66
CA ARG A 1078 26.44 29.91 0.91
C ARG A 1078 26.17 30.12 -0.57
N GLY A 1079 24.98 30.59 -0.92
CA GLY A 1079 24.66 30.88 -2.30
C GLY A 1079 23.99 29.71 -3.00
N ASP A 1080 24.00 28.53 -2.36
CA ASP A 1080 23.28 27.37 -2.89
C ASP A 1080 21.80 27.49 -2.55
N SER A 1081 20.98 26.74 -3.29
CA SER A 1081 19.55 26.78 -3.09
C SER A 1081 18.93 25.42 -3.37
N GLY A 1082 17.67 25.24 -2.97
CA GLY A 1082 16.85 24.09 -3.38
C GLY A 1082 17.54 22.77 -3.01
N GLY A 1083 17.48 21.81 -3.92
CA GLY A 1083 18.06 20.48 -3.66
C GLY A 1083 19.53 20.48 -3.29
N ASN A 1084 20.34 21.27 -3.99
CA ASN A 1084 21.75 21.35 -3.66
C ASN A 1084 21.93 21.81 -2.23
N ALA A 1085 21.16 22.81 -1.82
CA ALA A 1085 21.28 23.33 -0.43
C ALA A 1085 20.88 22.28 0.61
N ASN A 1086 19.81 21.54 0.35
CA ASN A 1086 19.42 20.45 1.27
C ASN A 1086 20.44 19.34 1.29
N PHE A 1087 20.97 18.99 0.12
CA PHE A 1087 21.84 17.82 0.04
C PHE A 1087 23.11 18.10 0.78
N ARG A 1088 23.65 19.32 0.62
CA ARG A 1088 25.03 19.62 1.03
C ARG A 1088 25.22 19.82 2.52
N GLY A 1089 24.14 19.97 3.27
CA GLY A 1089 24.26 19.84 4.72
C GLY A 1089 24.46 21.13 5.47
N TYR A 1090 24.33 22.26 4.78
CA TYR A 1090 24.35 23.58 5.47
C TYR A 1090 23.43 23.63 6.68
N ASN A 1091 22.28 22.98 6.58
CA ASN A 1091 21.25 23.08 7.59
C ASN A 1091 21.19 21.85 8.48
N ASP A 1092 22.24 21.05 8.43
CA ASP A 1092 22.22 19.76 9.15
C ASP A 1092 23.07 19.77 10.42
N PHE A 1093 22.80 18.78 11.28
CA PHE A 1093 23.61 18.53 12.48
C PHE A 1093 23.73 17.01 12.60
N MET A 1094 24.94 16.53 12.89
CA MET A 1094 25.19 15.09 13.11
C MET A 1094 25.98 14.96 14.41
N MET A 1095 25.63 13.97 15.25
CA MET A 1095 26.39 13.69 16.47
C MET A 1095 26.91 12.25 16.41
N ASP A 1096 28.07 12.01 17.02
CA ASP A 1096 28.53 10.62 17.14
C ASP A 1096 29.42 10.52 18.36
N ASN A 1097 29.71 9.31 18.78
CA ASN A 1097 30.68 9.10 19.88
C ASN A 1097 30.37 9.91 21.12
N LEU A 1098 29.12 9.81 21.57
CA LEU A 1098 28.73 10.41 22.81
C LEU A 1098 29.38 9.66 23.98
N GLN A 1099 29.90 10.42 24.94
CA GLN A 1099 30.45 9.81 26.16
C GLN A 1099 30.01 10.64 27.33
N ILE A 1100 29.58 9.98 28.41
CA ILE A 1100 29.21 10.72 29.61
C ILE A 1100 29.90 10.01 30.77
N GLU A 1101 30.81 10.73 31.41
CA GLU A 1101 31.68 10.14 32.43
C GLU A 1101 31.51 10.89 33.75
N GLU A 1102 31.22 10.17 34.82
CA GLU A 1102 31.14 10.83 36.14
C GLU A 1102 32.56 11.19 36.56
N ILE A 1103 32.77 12.44 37.00
CA ILE A 1103 34.13 12.87 37.36
C ILE A 1103 34.12 13.63 38.67
N THR A 1104 35.30 13.83 39.24
CA THR A 1104 35.40 14.67 40.41
C THR A 1104 36.24 15.85 39.97
N LEU A 1105 35.74 17.06 40.18
CA LEU A 1105 36.47 18.25 39.72
C LEU A 1105 37.73 18.48 40.53
N THR A 1106 38.89 18.32 39.89
CA THR A 1106 40.18 18.63 40.52
C THR A 1106 41.04 19.47 39.58
N GLY A 1107 42.10 20.08 40.14
CA GLY A 1107 43.09 20.83 39.36
C GLY A 1107 42.47 21.85 38.41
N LYS A 1108 42.78 21.72 37.12
CA LYS A 1108 42.26 22.68 36.15
C LYS A 1108 40.80 22.49 35.71
N MET A 1109 40.20 21.34 36.04
CA MET A 1109 38.76 21.13 35.79
C MET A 1109 37.96 22.19 36.51
N LEU A 1110 38.46 22.57 37.69
CA LEU A 1110 37.82 23.60 38.53
C LEU A 1110 37.66 24.95 37.82
N THR A 1111 38.57 25.24 36.88
CA THR A 1111 38.52 26.45 36.06
C THR A 1111 37.86 26.11 34.72
O5 A2G B . 5.92 9.66 -1.96
C1 A2G B . 4.55 10.03 -1.79
O1 A2G B . 4.40 11.43 -2.04
C2 A2G B . 4.09 9.68 -0.37
N2 A2G B . 2.71 10.10 -0.17
C3 A2G B . 4.98 10.37 0.64
O3 A2G B . 4.60 9.94 1.96
C4 A2G B . 6.44 10.04 0.39
O4 A2G B . 6.66 8.65 0.68
C5 A2G B . 6.80 10.35 -1.06
C6 A2G B . 8.22 9.93 -1.39
O6 A2G B . 8.59 10.50 -2.64
C7 A2G B . 1.70 9.27 0.12
O7 A2G B . 1.82 8.05 0.18
C8 A2G B . 0.38 9.97 0.35
C1 NGA B . 4.53 10.19 -1.73
C2 NGA B . 4.09 9.74 -0.34
C3 NGA B . 4.95 10.40 0.70
C4 NGA B . 6.42 10.06 0.44
C5 NGA B . 6.79 10.41 -1.01
C6 NGA B . 8.20 9.94 -1.34
C7 NGA B . 1.76 9.13 -0.03
C8 NGA B . 0.34 9.61 0.14
N2 NGA B . 2.67 10.08 -0.16
O1 NGA B . 3.67 9.59 -2.70
O3 NGA B . 4.52 9.90 1.97
O4 NGA B . 6.63 8.66 0.70
O5 NGA B . 5.89 9.79 -1.94
O6 NGA B . 8.57 10.50 -2.61
O7 NGA B . 2.05 7.94 -0.08
C1 GAL B . 4.95 10.77 3.02
C1 GAL B . 4.91 10.86 3.01
C2 GAL B . 3.87 10.85 4.10
C2 GAL B . 3.83 10.90 4.10
C3 GAL B . 4.32 11.79 5.21
C3 GAL B . 4.32 11.80 5.23
C4 GAL B . 5.68 11.33 5.73
C4 GAL B . 5.68 11.31 5.72
C5 GAL B . 6.67 11.21 4.58
C5 GAL B . 6.66 11.16 4.55
C6 GAL B . 8.02 10.71 5.07
C6 GAL B . 7.98 10.62 5.04
O2 GAL B . 2.66 11.34 3.56
O2 GAL B . 2.62 11.41 3.59
O3 GAL B . 3.34 11.79 6.25
O3 GAL B . 3.36 11.80 6.27
O4 GAL B . 5.54 10.07 6.40
O4 GAL B . 5.53 10.06 6.39
O5 GAL B . 6.15 10.31 3.62
O5 GAL B . 6.08 10.31 3.58
O6 GAL B . 8.97 10.72 4.03
O6 GAL B . 8.97 10.72 4.03
CA CA C . -28.53 -9.36 -22.10
MN MN D . 19.12 8.17 6.42
CA CA E . 29.21 5.90 14.94
CA CA F . -1.59 -1.58 24.50
C1 CIT G . -1.99 20.49 19.01
O1 CIT G . -2.93 20.33 19.82
O2 CIT G . -1.92 21.45 18.21
C2 CIT G . -0.88 19.45 18.95
C3 CIT G . -0.79 18.68 20.26
O7 CIT G . -1.37 19.18 21.46
C4 CIT G . 0.31 17.78 20.60
C5 CIT G . 1.57 18.55 20.87
O3 CIT G . 2.33 18.92 19.93
O4 CIT G . 1.80 18.78 22.07
C6 CIT G . -1.97 17.73 19.90
O5 CIT G . -2.15 17.38 18.71
O6 CIT G . -2.81 17.31 20.75
C1 CIT H . 2.20 10.29 46.41
O1 CIT H . 3.37 10.05 46.04
O2 CIT H . 1.65 9.60 47.28
C2 CIT H . 1.39 11.43 45.82
C3 CIT H . 1.93 12.12 44.57
O7 CIT H . 0.81 12.65 43.87
C4 CIT H . 2.74 13.33 45.01
C5 CIT H . 4.18 13.07 45.45
O3 CIT H . 4.93 14.05 45.46
O4 CIT H . 4.59 11.95 45.78
C6 CIT H . 2.58 11.22 43.52
O5 CIT H . 3.58 11.65 42.93
O6 CIT H . 2.09 10.08 43.25
C1 EDO I . -29.07 -7.22 -37.06
O1 EDO I . -29.70 -6.62 -38.22
C2 EDO I . -29.77 -8.49 -36.62
O2 EDO I . -31.11 -8.23 -36.19
C1 EDO J . 31.87 7.16 22.58
O1 EDO J . 33.25 7.38 23.00
C2 EDO J . 31.82 6.02 21.57
O2 EDO J . 32.56 4.86 22.01
C1 EDO K . 26.91 30.07 8.86
O1 EDO K . 28.17 29.35 8.85
C2 EDO K . 27.11 31.59 8.94
O2 EDO K . 28.22 32.00 8.09
C1 EDO L . -15.33 -14.68 -8.71
O1 EDO L . -14.55 -15.63 -7.96
C2 EDO L . -16.01 -13.72 -7.73
O2 EDO L . -14.94 -13.09 -7.00
C1 EDO M . -19.14 -21.03 -25.68
O1 EDO M . -19.53 -21.78 -26.85
C2 EDO M . -18.32 -21.87 -24.72
O2 EDO M . -18.98 -23.14 -24.62
C1 EDO N . -15.83 10.81 -27.80
O1 EDO N . -16.73 9.95 -28.51
C2 EDO N . -14.83 11.39 -28.79
O2 EDO N . -14.88 10.64 -30.02
C1 EDO O . 23.55 10.33 -21.13
O1 EDO O . 22.33 10.99 -20.80
C2 EDO O . 23.84 9.35 -20.00
O2 EDO O . 24.33 8.14 -20.56
C1 EDO P . -8.94 -1.82 21.69
O1 EDO P . -8.98 -3.04 22.46
C2 EDO P . -10.19 -1.04 21.99
O2 EDO P . -10.09 -0.52 23.32
C1 EDO Q . -17.05 -1.27 17.44
O1 EDO Q . -17.03 -2.34 18.38
C2 EDO Q . -15.72 -0.58 17.57
O2 EDO Q . -15.68 0.04 18.84
C1 EDO R . -12.75 -25.61 -28.77
O1 EDO R . -13.86 -26.50 -28.58
C2 EDO R . -12.47 -25.42 -30.24
O2 EDO R . -13.56 -24.73 -30.78
C1 EDO S . 1.98 -20.25 -43.24
O1 EDO S . 2.62 -21.18 -42.38
C2 EDO S . 2.69 -20.30 -44.59
O2 EDO S . 4.00 -20.80 -44.33
C1 EDO T . -15.41 -2.45 -40.98
O1 EDO T . -15.51 -3.84 -41.27
C2 EDO T . -14.25 -2.00 -41.83
O2 EDO T . -14.53 -2.23 -43.20
C1 EDO U . 18.28 1.51 23.08
O1 EDO U . 17.73 2.09 21.89
C2 EDO U . 19.81 1.59 22.99
O2 EDO U . 20.30 0.51 22.23
C1 EDO V . 22.16 14.21 2.28
O1 EDO V . 20.81 14.51 2.69
C2 EDO V . 22.27 12.72 1.89
O2 EDO V . 22.12 11.75 2.97
C1 EDO W . -24.12 1.38 5.67
O1 EDO W . -24.07 -0.06 5.74
C2 EDO W . -24.83 1.90 4.40
O2 EDO W . -24.30 1.39 3.14
C1 EDO X . -17.73 -17.01 -22.75
O1 EDO X . -18.82 -16.88 -23.69
C2 EDO X . -16.86 -18.19 -23.25
O2 EDO X . -16.09 -17.81 -24.40
C1 EDO Y . -5.53 -6.97 -35.52
O1 EDO Y . -6.10 -7.08 -36.84
C2 EDO Y . -5.47 -5.48 -35.12
O2 EDO Y . -6.80 -5.01 -34.95
C1 EDO Z . 27.59 -13.13 24.12
O1 EDO Z . 28.92 -13.23 23.59
C2 EDO Z . 27.70 -12.99 25.65
O2 EDO Z . 28.77 -13.82 26.16
C1 EDO AA . -5.53 -13.23 -21.98
O1 EDO AA . -6.26 -13.91 -22.99
C2 EDO AA . -4.14 -13.84 -21.87
O2 EDO AA . -4.34 -15.15 -21.35
C1 EDO BA . -5.14 -20.20 -28.93
O1 EDO BA . -4.57 -21.52 -28.87
C2 EDO BA . -4.50 -19.41 -27.80
O2 EDO BA . -4.24 -18.11 -28.27
C1 EDO CA . -3.75 -1.08 20.05
O1 EDO CA . -2.87 -0.80 18.95
C2 EDO CA . -5.14 -0.96 19.45
O2 EDO CA . -6.05 -0.49 20.46
C1 EDO DA . -31.77 -9.04 20.74
O1 EDO DA . -31.42 -8.18 21.82
C2 EDO DA . -32.67 -8.32 19.75
O2 EDO DA . -32.67 -6.92 20.02
C1 EDO EA . 6.69 -15.65 37.44
O1 EDO EA . 6.44 -15.52 38.84
C2 EDO EA . 8.15 -16.03 37.31
O2 EDO EA . 8.30 -17.43 37.53
C1 EDO FA . -1.18 9.05 -16.89
O1 EDO FA . -2.27 8.40 -17.60
C2 EDO FA . -1.72 10.10 -15.91
O2 EDO FA . -2.51 11.06 -16.61
C1 EDO GA . -24.37 -16.03 -0.72
O1 EDO GA . -24.18 -15.50 0.62
C2 EDO GA . -23.12 -16.74 -1.25
O2 EDO GA . -22.63 -17.62 -0.23
C1 EDO HA . 10.84 -11.62 -15.32
O1 EDO HA . 10.69 -12.99 -15.66
C2 EDO HA . 9.47 -10.96 -15.49
O2 EDO HA . 8.87 -11.36 -16.72
C1 EDO IA . -0.07 -17.83 30.24
O1 EDO IA . 1.14 -18.07 29.51
C2 EDO IA . -1.23 -17.72 29.27
O2 EDO IA . -2.36 -17.21 29.98
C1 EDO JA . -12.12 -15.15 15.63
O1 EDO JA . -11.95 -16.04 16.73
C2 EDO JA . -12.23 -16.01 14.40
O2 EDO JA . -13.60 -16.38 14.32
C1 EDO KA . 39.68 22.30 5.74
O1 EDO KA . 40.40 22.82 6.86
C2 EDO KA . 38.71 23.36 5.26
O2 EDO KA . 39.51 24.31 4.54
C1 EDO LA . -34.92 -3.83 8.06
O1 EDO LA . -35.98 -3.92 9.03
C2 EDO LA . -35.55 -3.84 6.69
O2 EDO LA . -35.56 -5.22 6.30
C1 EDO MA . 20.73 35.91 13.37
O1 EDO MA . 20.32 35.00 12.31
C2 EDO MA . 22.21 36.28 13.19
O2 EDO MA . 22.36 37.69 13.43
#